data_6HBV
#
_entry.id   6HBV
#
_cell.length_a   63.254
_cell.length_b   103.903
_cell.length_c   65.326
_cell.angle_alpha   90.00
_cell.angle_beta   109.61
_cell.angle_gamma   90.00
#
_symmetry.space_group_name_H-M   'P 1 21 1'
#
loop_
_entity.id
_entity.type
_entity.pdbx_description
1 polymer 'Aminopentol aminotransferase'
2 non-polymer "PYRIDOXAL-5'-PHOSPHATE"
3 non-polymer "4'-DEOXY-4'-AMINOPYRIDOXAL-5'-PHOSPHATE"
4 non-polymer 'MAGNESIUM ION'
5 water water
#
_entity_poly.entity_id   1
_entity_poly.type   'polypeptide(L)'
_entity_poly.pdbx_seq_one_letter_code
;MANGTRQKDLRERAERVIPGGMYGHESTRLLPPEFPQFFRRALGARIWDADEQPYIDYMCAYGPNLLGYRQSEIEAAADA
QRLLGDTMTGPSEIMVNLAEAFVGMVRHADWAMFCKNGSDATSTAMVLARAHTGRKTILCAKGAYHGASPWNTPHTAGIL
ASDRVHVAYYTYNDAQSLSDAFKAHDGDIAAVFATPFRHEVFEDQALAQLEFARTARKCCDETGALLVVDDVRAGFRVAR
DCSWTHLGIEPDLSCWGKCFANGYPISALLGSNKARDAARDIFVTGSFWFSAVPMAAAIETLRIIRETPYLETLIASGAA
LRAGLEAQSQRHGLELKQTGPAQMPQIFFADDPDFRIGYAWAAACLKGGVYVHPYHNMFLSAAHTVDDVTETLEATDRAF
SAVLRDFASLQPHPILMQLAGAASSVDKLAAALEHHHHHH
;
_entity_poly.pdbx_strand_id   A,B
#
# COMPACT_ATOMS: atom_id res chain seq x y z
N GLY A 4 -14.91 -24.51 13.81
CA GLY A 4 -15.11 -24.68 15.27
C GLY A 4 -15.77 -23.46 15.86
N THR A 5 -15.81 -23.40 17.20
CA THR A 5 -16.62 -22.45 17.93
C THR A 5 -16.12 -21.02 17.70
N ARG A 6 -14.79 -20.83 17.76
CA ARG A 6 -14.19 -19.49 17.63
C ARG A 6 -14.37 -19.00 16.19
N GLN A 7 -14.14 -19.89 15.22
CA GLN A 7 -14.32 -19.48 13.78
C GLN A 7 -15.77 -19.02 13.48
N LYS A 8 -16.74 -19.77 14.01
CA LYS A 8 -18.11 -19.46 13.80
C LYS A 8 -18.47 -18.10 14.41
N ASP A 9 -18.02 -17.83 15.64
CA ASP A 9 -18.22 -16.52 16.32
C ASP A 9 -17.61 -15.40 15.45
N LEU A 10 -16.38 -15.63 14.98
CA LEU A 10 -15.64 -14.62 14.22
C LEU A 10 -16.37 -14.32 12.91
N ARG A 11 -16.81 -15.36 12.19
CA ARG A 11 -17.56 -15.15 10.95
C ARG A 11 -18.87 -14.38 11.20
N GLU A 12 -19.59 -14.69 12.31
CA GLU A 12 -20.86 -13.99 12.64
C GLU A 12 -20.59 -12.50 12.85
N ARG A 13 -19.56 -12.22 13.64
CA ARG A 13 -19.15 -10.84 14.00
C ARG A 13 -18.66 -10.11 12.75
N ALA A 14 -17.83 -10.80 11.94
CA ALA A 14 -17.21 -10.19 10.77
C ALA A 14 -18.26 -9.69 9.78
N GLU A 15 -19.31 -10.47 9.57
CA GLU A 15 -20.35 -10.16 8.58
C GLU A 15 -21.02 -8.82 8.92
N ARG A 16 -21.05 -8.47 10.22
CA ARG A 16 -21.72 -7.28 10.67
C ARG A 16 -20.89 -6.02 10.36
N VAL A 17 -19.55 -6.12 10.40
CA VAL A 17 -18.69 -4.87 10.38
C VAL A 17 -17.71 -4.83 9.22
N ILE A 18 -17.71 -5.85 8.37
CA ILE A 18 -16.85 -5.96 7.20
C ILE A 18 -17.78 -6.41 6.08
N PRO A 19 -17.79 -5.75 4.91
CA PRO A 19 -18.71 -6.10 3.83
C PRO A 19 -18.46 -7.57 3.45
N GLY A 20 -19.50 -8.39 3.61
CA GLY A 20 -19.41 -9.79 3.25
C GLY A 20 -18.62 -10.61 4.26
N GLY A 21 -18.17 -10.03 5.38
CA GLY A 21 -17.33 -10.71 6.38
C GLY A 21 -15.85 -10.72 6.06
N MET A 22 -15.49 -10.52 4.79
CA MET A 22 -14.13 -10.46 4.29
C MET A 22 -14.18 -10.18 2.77
N TYR A 23 -13.02 -9.92 2.17
CA TYR A 23 -12.94 -9.39 0.79
C TYR A 23 -11.56 -9.73 0.28
N GLY A 24 -11.41 -9.62 -1.04
CA GLY A 24 -10.14 -9.70 -1.67
C GLY A 24 -9.65 -11.13 -1.77
N HIS A 25 -8.33 -11.26 -1.97
CA HIS A 25 -7.72 -12.53 -2.46
C HIS A 25 -7.69 -13.59 -1.35
N GLU A 26 -7.74 -13.18 -0.09
CA GLU A 26 -7.73 -14.10 1.05
C GLU A 26 -9.13 -14.46 1.56
N SER A 27 -10.19 -13.94 0.95
CA SER A 27 -11.53 -14.36 1.28
C SER A 27 -11.72 -15.84 0.92
N THR A 28 -12.42 -16.57 1.79
CA THR A 28 -12.73 -17.96 1.57
C THR A 28 -14.08 -18.15 0.85
N ARG A 29 -14.68 -17.08 0.32
CA ARG A 29 -16.01 -17.15 -0.23
C ARG A 29 -16.14 -18.24 -1.32
N LEU A 30 -15.12 -18.43 -2.17
CA LEU A 30 -15.14 -19.44 -3.26
C LEU A 30 -14.44 -20.76 -2.88
N LEU A 31 -14.10 -20.96 -1.59
CA LEU A 31 -13.53 -22.21 -1.12
C LEU A 31 -14.58 -23.08 -0.44
N PRO A 32 -14.35 -24.41 -0.32
CA PRO A 32 -15.23 -25.24 0.50
C PRO A 32 -15.42 -24.64 1.88
N PRO A 33 -16.59 -24.87 2.54
CA PRO A 33 -16.90 -24.20 3.81
C PRO A 33 -15.97 -24.57 4.97
N GLU A 34 -15.31 -25.73 4.91
CA GLU A 34 -14.42 -26.13 5.96
C GLU A 34 -13.11 -25.28 5.98
N PHE A 35 -12.81 -24.52 4.94
CA PHE A 35 -11.62 -23.66 5.01
C PHE A 35 -11.83 -22.59 6.07
N PRO A 36 -10.93 -22.43 7.05
CA PRO A 36 -11.02 -21.33 8.00
C PRO A 36 -10.67 -19.98 7.32
N GLN A 37 -11.34 -18.92 7.75
CA GLN A 37 -11.11 -17.56 7.26
C GLN A 37 -10.07 -16.84 8.15
N PHE A 38 -10.17 -16.99 9.49
CA PHE A 38 -9.42 -16.25 10.46
C PHE A 38 -8.43 -17.15 11.21
N PHE A 39 -7.21 -16.63 11.40
CA PHE A 39 -6.08 -17.35 12.03
C PHE A 39 -5.67 -16.70 13.37
N ARG A 40 -4.94 -17.48 14.17
CA ARG A 40 -4.46 -16.97 15.44
C ARG A 40 -2.94 -16.76 15.42
N ARG A 41 -2.19 -17.66 14.82
CA ARG A 41 -0.74 -17.53 14.87
C ARG A 41 -0.09 -18.33 13.74
N ALA A 42 1.21 -18.07 13.56
CA ALA A 42 1.97 -18.73 12.50
C ALA A 42 3.43 -18.85 12.91
N LEU A 43 4.08 -19.93 12.45
CA LEU A 43 5.49 -20.14 12.74
C LEU A 43 6.07 -21.15 11.73
N GLY A 44 7.22 -20.82 11.17
CA GLY A 44 7.90 -21.69 10.21
C GLY A 44 7.03 -21.88 8.99
N ALA A 45 6.58 -23.12 8.74
CA ALA A 45 5.73 -23.48 7.60
C ALA A 45 4.28 -23.77 8.01
N ARG A 46 3.88 -23.34 9.20
CA ARG A 46 2.60 -23.69 9.78
C ARG A 46 1.81 -22.44 10.15
N ILE A 47 0.49 -22.56 10.02
CA ILE A 47 -0.48 -21.60 10.52
C ILE A 47 -1.47 -22.34 11.41
N TRP A 48 -2.03 -21.61 12.39
CA TRP A 48 -3.08 -22.10 13.28
C TRP A 48 -4.32 -21.24 13.12
N ASP A 49 -5.47 -21.89 12.92
CA ASP A 49 -6.73 -21.18 12.78
C ASP A 49 -7.14 -20.69 14.18
N ALA A 50 -8.27 -19.96 14.22
CA ALA A 50 -8.79 -19.34 15.46
C ALA A 50 -9.07 -20.41 16.54
N ASP A 51 -9.40 -21.64 16.09
CA ASP A 51 -9.68 -22.78 16.98
C ASP A 51 -8.44 -23.63 17.25
N GLU A 52 -7.23 -23.11 16.93
CA GLU A 52 -5.94 -23.70 17.28
C GLU A 52 -5.63 -24.99 16.51
N GLN A 53 -6.32 -25.23 15.39
CA GLN A 53 -5.93 -26.32 14.50
C GLN A 53 -4.73 -25.88 13.65
N PRO A 54 -3.62 -26.64 13.64
CA PRO A 54 -2.46 -26.36 12.81
C PRO A 54 -2.62 -26.87 11.38
N TYR A 55 -2.02 -26.13 10.45
CA TYR A 55 -1.92 -26.58 9.07
C TYR A 55 -0.53 -26.32 8.55
N ILE A 56 0.03 -27.34 7.90
CA ILE A 56 1.21 -27.12 7.07
C ILE A 56 0.71 -26.27 5.88
N ASP A 57 1.33 -25.10 5.74
CA ASP A 57 0.76 -24.02 4.90
C ASP A 57 1.40 -23.97 3.51
N TYR A 58 0.69 -24.45 2.48
CA TYR A 58 1.22 -24.39 1.10
C TYR A 58 0.80 -23.10 0.40
N MET A 59 0.21 -22.13 1.10
CA MET A 59 -0.02 -20.80 0.47
C MET A 59 1.13 -19.84 0.80
N CYS A 60 1.89 -20.14 1.86
CA CYS A 60 2.95 -19.19 2.32
C CYS A 60 2.39 -17.76 2.34
N ALA A 61 1.21 -17.62 2.91
CA ALA A 61 0.54 -16.31 3.08
C ALA A 61 0.25 -15.66 1.72
N TYR A 62 0.09 -16.49 0.68
CA TYR A 62 -0.12 -16.09 -0.74
C TYR A 62 1.14 -15.47 -1.31
N GLY A 63 2.30 -15.91 -0.79
CA GLY A 63 3.58 -15.60 -1.38
C GLY A 63 4.60 -15.00 -0.41
N PRO A 64 4.24 -14.03 0.46
CA PRO A 64 5.20 -13.41 1.36
C PRO A 64 6.08 -14.31 2.25
N ASN A 65 5.61 -15.49 2.66
CA ASN A 65 6.40 -16.35 3.57
C ASN A 65 7.41 -17.17 2.75
N LEU A 66 8.56 -16.55 2.48
CA LEU A 66 9.66 -17.17 1.71
C LEU A 66 10.54 -18.05 2.61
N LEU A 67 10.81 -17.60 3.85
CA LEU A 67 11.88 -18.17 4.68
C LEU A 67 11.35 -18.78 5.99
N GLY A 68 10.03 -18.69 6.22
CA GLY A 68 9.47 -19.11 7.47
C GLY A 68 8.84 -17.96 8.23
N TYR A 69 7.65 -18.20 8.77
CA TYR A 69 7.04 -17.22 9.59
C TYR A 69 7.86 -17.00 10.87
N ARG A 70 8.06 -15.72 11.20
CA ARG A 70 8.83 -15.29 12.41
C ARG A 70 10.26 -15.83 12.34
N GLN A 71 10.85 -15.76 11.15
CA GLN A 71 12.20 -16.21 10.96
C GLN A 71 13.11 -15.34 11.82
N SER A 72 13.93 -15.99 12.64
CA SER A 72 14.55 -15.30 13.76
C SER A 72 15.56 -14.22 13.30
N GLU A 73 16.32 -14.45 12.21
CA GLU A 73 17.30 -13.45 11.75
C GLU A 73 16.57 -12.19 11.20
N ILE A 74 15.49 -12.41 10.46
CA ILE A 74 14.74 -11.27 9.94
C ILE A 74 14.09 -10.49 11.09
N GLU A 75 13.50 -11.21 12.07
CA GLU A 75 12.87 -10.55 13.17
C GLU A 75 13.92 -9.80 14.01
N ALA A 76 15.14 -10.36 14.13
CA ALA A 76 16.28 -9.62 14.83
C ALA A 76 16.62 -8.31 14.09
N ALA A 77 16.70 -8.35 12.76
CA ALA A 77 16.99 -7.15 11.97
C ALA A 77 15.84 -6.13 12.10
N ALA A 78 14.60 -6.59 12.09
CA ALA A 78 13.46 -5.68 12.24
C ALA A 78 13.48 -5.05 13.64
N ASP A 79 13.75 -5.89 14.65
CA ASP A 79 13.84 -5.42 16.05
C ASP A 79 14.88 -4.30 16.18
N ALA A 80 16.06 -4.48 15.59
CA ALA A 80 17.13 -3.50 15.70
C ALA A 80 16.71 -2.17 15.07
N GLN A 81 16.01 -2.25 13.94
CA GLN A 81 15.58 -1.02 13.28
C GLN A 81 14.45 -0.35 14.07
N ARG A 82 13.56 -1.13 14.66
CA ARG A 82 12.44 -0.61 15.40
C ARG A 82 12.90 0.22 16.61
N LEU A 83 14.07 -0.12 17.19
CA LEU A 83 14.65 0.66 18.31
C LEU A 83 15.15 2.02 17.79
N LEU A 84 15.40 2.14 16.48
CA LEU A 84 15.93 3.38 15.90
C LEU A 84 14.71 4.22 15.46
N GLY A 85 13.95 3.76 14.46
CA GLY A 85 12.78 4.49 13.99
C GLY A 85 12.18 3.78 12.80
N ASP A 86 10.92 4.08 12.51
CA ASP A 86 10.20 3.41 11.42
C ASP A 86 9.69 4.46 10.43
N THR A 87 8.50 5.00 10.71
CA THR A 87 7.86 6.01 9.83
C THR A 87 8.21 7.41 10.35
N MET A 88 9.15 8.06 9.69
CA MET A 88 9.75 9.31 10.20
C MET A 88 9.56 10.42 9.15
N THR A 89 9.97 11.66 9.49
CA THR A 89 9.77 12.82 8.63
C THR A 89 10.53 12.66 7.30
N GLY A 90 11.61 11.86 7.32
CA GLY A 90 12.26 11.41 6.12
C GLY A 90 12.60 9.94 6.22
N PRO A 91 13.07 9.33 5.11
CA PRO A 91 13.51 7.96 5.17
C PRO A 91 14.71 7.80 6.10
N SER A 92 14.89 6.60 6.60
CA SER A 92 16.13 6.21 7.18
C SER A 92 17.25 6.17 6.13
N GLU A 93 18.47 6.49 6.61
CA GLU A 93 19.70 6.21 5.85
C GLU A 93 19.70 4.80 5.25
N ILE A 94 19.05 3.81 5.88
CA ILE A 94 19.14 2.41 5.40
C ILE A 94 18.39 2.25 4.06
N MET A 95 17.60 3.26 3.67
CA MET A 95 16.96 3.21 2.36
C MET A 95 18.03 3.15 1.28
N VAL A 96 19.13 3.86 1.51
CA VAL A 96 20.25 3.89 0.58
C VAL A 96 20.84 2.48 0.53
N ASN A 97 21.07 1.87 1.67
CA ASN A 97 21.65 0.52 1.73
C ASN A 97 20.75 -0.49 1.02
N LEU A 98 19.43 -0.32 1.20
CA LEU A 98 18.50 -1.26 0.57
C LEU A 98 18.52 -1.10 -0.97
N ALA A 99 18.46 0.13 -1.45
CA ALA A 99 18.52 0.36 -2.90
C ALA A 99 19.82 -0.21 -3.48
N GLU A 100 20.95 0.02 -2.80
CA GLU A 100 22.26 -0.54 -3.22
C GLU A 100 22.19 -2.06 -3.31
N ALA A 101 21.64 -2.67 -2.26
CA ALA A 101 21.62 -4.14 -2.21
C ALA A 101 20.76 -4.69 -3.36
N PHE A 102 19.58 -4.10 -3.55
CA PHE A 102 18.59 -4.64 -4.52
C PHE A 102 19.15 -4.42 -5.93
N VAL A 103 19.64 -3.22 -6.20
CA VAL A 103 20.20 -2.91 -7.48
C VAL A 103 21.39 -3.84 -7.79
N GLY A 104 22.21 -4.14 -6.80
CA GLY A 104 23.35 -4.99 -6.99
C GLY A 104 22.95 -6.42 -7.36
N MET A 105 21.78 -6.87 -6.90
CA MET A 105 21.32 -8.27 -7.14
C MET A 105 20.66 -8.44 -8.52
N VAL A 106 20.10 -7.37 -9.06
CA VAL A 106 19.27 -7.42 -10.25
C VAL A 106 20.07 -6.87 -11.44
N ARG A 107 20.53 -7.77 -12.30
CA ARG A 107 21.45 -7.47 -13.38
C ARG A 107 20.92 -6.37 -14.30
N HIS A 108 19.62 -6.32 -14.60
CA HIS A 108 19.13 -5.31 -15.52
C HIS A 108 19.00 -3.92 -14.89
N ALA A 109 19.07 -3.84 -13.57
CA ALA A 109 18.63 -2.64 -12.86
C ALA A 109 19.84 -1.81 -12.40
N ASP A 110 19.66 -0.47 -12.52
CA ASP A 110 20.59 0.52 -12.01
C ASP A 110 19.96 1.36 -10.88
N TRP A 111 18.63 1.30 -10.72
CA TRP A 111 17.95 2.04 -9.65
C TRP A 111 16.74 1.29 -9.09
N ALA A 112 16.29 1.72 -7.90
CA ALA A 112 15.11 1.15 -7.26
C ALA A 112 14.23 2.27 -6.70
N MET A 113 12.92 2.01 -6.73
CA MET A 113 11.94 2.78 -6.00
C MET A 113 11.13 1.83 -5.11
N PHE A 114 10.84 2.28 -3.89
CA PHE A 114 10.11 1.48 -2.90
C PHE A 114 8.73 2.06 -2.66
N CYS A 115 7.76 1.15 -2.48
CA CYS A 115 6.36 1.46 -2.25
C CYS A 115 5.78 0.40 -1.29
N LYS A 116 4.46 0.27 -1.24
CA LYS A 116 3.89 -0.68 -0.31
C LYS A 116 3.34 -1.92 -1.02
N ASN A 117 2.41 -1.71 -1.94
CA ASN A 117 1.72 -2.79 -2.59
C ASN A 117 2.42 -3.14 -3.90
N GLY A 118 2.35 -4.40 -4.32
CA GLY A 118 2.78 -4.77 -5.65
C GLY A 118 2.08 -3.95 -6.74
N SER A 119 0.79 -3.68 -6.52
CA SER A 119 -0.03 -2.85 -7.41
C SER A 119 0.56 -1.41 -7.51
N ASP A 120 1.17 -0.91 -6.42
CA ASP A 120 1.84 0.37 -6.46
C ASP A 120 2.99 0.32 -7.48
N ALA A 121 3.75 -0.79 -7.47
CA ALA A 121 4.90 -0.94 -8.37
C ALA A 121 4.45 -1.09 -9.83
N THR A 122 3.41 -1.88 -10.10
CA THR A 122 2.98 -2.06 -11.52
C THR A 122 2.39 -0.76 -12.06
N SER A 123 1.65 -0.02 -11.23
CA SER A 123 1.05 1.23 -11.65
CA SER A 123 1.04 1.23 -11.64
C SER A 123 2.13 2.26 -11.92
N THR A 124 3.15 2.30 -11.04
CA THR A 124 4.28 3.18 -11.24
C THR A 124 4.96 2.84 -12.58
N ALA A 125 5.20 1.54 -12.84
CA ALA A 125 5.77 1.09 -14.13
C ALA A 125 4.99 1.60 -15.35
N MET A 126 3.66 1.50 -15.27
CA MET A 126 2.75 1.91 -16.35
C MET A 126 2.89 3.41 -16.62
N VAL A 127 2.82 4.22 -15.54
CA VAL A 127 2.91 5.64 -15.69
C VAL A 127 4.33 6.03 -16.20
N LEU A 128 5.36 5.38 -15.65
CA LEU A 128 6.73 5.63 -16.04
C LEU A 128 6.86 5.40 -17.56
N ALA A 129 6.35 4.26 -18.04
CA ALA A 129 6.52 3.94 -19.46
C ALA A 129 5.83 4.95 -20.40
N ARG A 130 4.65 5.46 -19.99
CA ARG A 130 3.94 6.47 -20.74
C ARG A 130 4.77 7.76 -20.77
N ALA A 131 5.33 8.15 -19.61
CA ALA A 131 6.15 9.35 -19.55
C ALA A 131 7.43 9.19 -20.38
N HIS A 132 8.03 8.02 -20.36
CA HIS A 132 9.28 7.75 -21.02
C HIS A 132 9.10 7.84 -22.53
N THR A 133 8.01 7.24 -23.02
CA THR A 133 7.83 7.06 -24.48
C THR A 133 7.00 8.17 -25.10
N GLY A 134 6.23 8.90 -24.29
CA GLY A 134 5.15 9.77 -24.75
C GLY A 134 4.04 9.06 -25.54
N ARG A 135 3.86 7.75 -25.34
CA ARG A 135 2.83 6.93 -26.02
C ARG A 135 1.82 6.42 -24.99
N LYS A 136 0.72 5.86 -25.47
CA LYS A 136 -0.39 5.57 -24.59
C LYS A 136 -0.55 4.08 -24.29
N THR A 137 -0.22 3.20 -25.27
CA THR A 137 -0.73 1.86 -25.20
C THR A 137 0.15 0.98 -24.31
N ILE A 138 -0.50 0.34 -23.32
CA ILE A 138 0.14 -0.65 -22.47
C ILE A 138 -0.33 -2.06 -22.89
N LEU A 139 0.61 -2.96 -23.23
CA LEU A 139 0.26 -4.30 -23.66
C LEU A 139 0.37 -5.28 -22.50
N CYS A 140 -0.74 -5.97 -22.22
CA CYS A 140 -0.82 -6.99 -21.19
C CYS A 140 -1.36 -8.29 -21.79
N ALA A 141 -0.98 -9.42 -21.19
CA ALA A 141 -1.53 -10.68 -21.58
C ALA A 141 -2.96 -10.80 -21.06
N LYS A 142 -3.85 -11.34 -21.91
CA LYS A 142 -5.22 -11.54 -21.50
C LYS A 142 -5.24 -12.42 -20.23
N GLY A 143 -6.00 -11.97 -19.23
CA GLY A 143 -6.20 -12.69 -17.97
C GLY A 143 -5.01 -12.62 -17.03
N ALA A 144 -3.96 -11.87 -17.36
CA ALA A 144 -2.80 -11.76 -16.45
C ALA A 144 -3.14 -10.79 -15.32
N TYR A 145 -2.81 -11.19 -14.10
CA TYR A 145 -3.06 -10.36 -12.90
C TYR A 145 -1.83 -9.50 -12.61
N HIS A 146 -2.00 -8.17 -12.66
CA HIS A 146 -0.94 -7.25 -12.34
C HIS A 146 -1.29 -6.36 -11.13
N GLY A 147 -2.41 -6.63 -10.48
CA GLY A 147 -2.88 -5.80 -9.33
C GLY A 147 -4.38 -5.58 -9.40
N ALA A 148 -4.90 -4.77 -8.49
CA ALA A 148 -6.31 -4.57 -8.44
C ALA A 148 -6.62 -3.07 -8.49
N SER A 149 -5.86 -2.34 -9.31
CA SER A 149 -6.14 -0.94 -9.61
C SER A 149 -7.22 -0.86 -10.70
N PRO A 150 -7.86 0.31 -10.92
CA PRO A 150 -8.81 0.41 -12.03
C PRO A 150 -8.28 -0.08 -13.39
N TRP A 151 -6.99 0.13 -13.68
CA TRP A 151 -6.49 -0.23 -15.01
C TRP A 151 -6.39 -1.73 -15.20
N ASN A 152 -6.32 -2.49 -14.10
CA ASN A 152 -5.93 -3.91 -14.26
C ASN A 152 -6.75 -4.87 -13.41
N THR A 153 -7.63 -4.40 -12.53
CA THR A 153 -8.37 -5.30 -11.66
C THR A 153 -9.18 -6.29 -12.50
N PRO A 154 -9.17 -7.59 -12.13
CA PRO A 154 -9.80 -8.62 -12.97
C PRO A 154 -11.32 -8.61 -12.94
N HIS A 155 -11.92 -7.97 -11.94
N HIS A 155 -11.92 -7.98 -11.92
CA HIS A 155 -13.36 -7.93 -11.79
CA HIS A 155 -13.37 -7.85 -11.77
C HIS A 155 -13.78 -6.45 -11.83
C HIS A 155 -13.74 -6.38 -11.87
N THR A 156 -14.70 -6.06 -12.73
CA THR A 156 -14.80 -4.69 -13.19
C THR A 156 -16.04 -3.95 -12.65
N ALA A 157 -16.64 -4.42 -11.55
CA ALA A 157 -17.69 -3.59 -10.92
C ALA A 157 -17.09 -2.24 -10.56
N GLY A 158 -17.72 -1.14 -11.00
CA GLY A 158 -17.27 0.18 -10.64
C GLY A 158 -16.12 0.69 -11.48
N ILE A 159 -15.72 -0.08 -12.49
CA ILE A 159 -14.62 0.27 -13.37
C ILE A 159 -15.18 0.81 -14.68
N LEU A 160 -14.62 1.91 -15.16
CA LEU A 160 -15.08 2.53 -16.38
C LEU A 160 -14.19 2.07 -17.54
N ALA A 161 -14.76 1.98 -18.74
CA ALA A 161 -14.00 1.67 -19.92
C ALA A 161 -12.80 2.63 -20.04
N SER A 162 -13.03 3.90 -19.66
CA SER A 162 -12.00 4.90 -19.79
C SER A 162 -10.81 4.58 -18.86
N ASP A 163 -11.04 3.77 -17.83
CA ASP A 163 -9.95 3.43 -16.86
C ASP A 163 -8.86 2.57 -17.50
N ARG A 164 -9.20 1.89 -18.59
CA ARG A 164 -8.26 0.99 -19.25
C ARG A 164 -8.37 1.06 -20.78
N VAL A 165 -8.85 2.19 -21.33
CA VAL A 165 -9.08 2.27 -22.77
C VAL A 165 -7.73 2.17 -23.52
N HIS A 166 -6.60 2.50 -22.88
CA HIS A 166 -5.30 2.42 -23.53
C HIS A 166 -4.47 1.26 -22.97
N VAL A 167 -5.16 0.23 -22.49
CA VAL A 167 -4.58 -1.11 -22.28
C VAL A 167 -5.09 -2.01 -23.41
N ALA A 168 -4.19 -2.74 -24.04
CA ALA A 168 -4.52 -3.68 -25.08
C ALA A 168 -3.85 -5.01 -24.76
N TYR A 169 -4.36 -6.08 -25.36
CA TYR A 169 -4.08 -7.41 -24.90
C TYR A 169 -3.48 -8.26 -26.01
N TYR A 170 -2.72 -9.25 -25.55
CA TYR A 170 -2.13 -10.30 -26.37
C TYR A 170 -2.28 -11.61 -25.60
N THR A 171 -2.06 -12.73 -26.30
CA THR A 171 -2.13 -14.07 -25.69
C THR A 171 -0.77 -14.47 -25.14
N TYR A 172 -0.73 -14.81 -23.85
CA TYR A 172 0.52 -15.18 -23.22
C TYR A 172 1.16 -16.34 -23.97
N ASN A 173 2.49 -16.25 -24.15
CA ASN A 173 3.30 -17.29 -24.74
C ASN A 173 3.07 -17.39 -26.25
N ASP A 174 2.40 -16.41 -26.86
CA ASP A 174 2.09 -16.46 -28.30
C ASP A 174 2.82 -15.27 -28.94
N ALA A 175 3.99 -15.55 -29.51
CA ALA A 175 4.86 -14.55 -30.10
C ALA A 175 4.12 -13.81 -31.24
N GLN A 176 3.40 -14.57 -32.07
CA GLN A 176 2.61 -13.95 -33.16
C GLN A 176 1.63 -12.93 -32.60
N SER A 177 0.90 -13.27 -31.52
CA SER A 177 -0.10 -12.46 -30.89
C SER A 177 0.54 -11.17 -30.38
N LEU A 178 1.69 -11.31 -29.73
CA LEU A 178 2.38 -10.12 -29.21
C LEU A 178 2.86 -9.23 -30.38
N SER A 179 3.55 -9.80 -31.39
CA SER A 179 4.00 -9.05 -32.55
C SER A 179 2.82 -8.30 -33.17
N ASP A 180 1.69 -8.99 -33.34
CA ASP A 180 0.51 -8.37 -33.91
C ASP A 180 -0.01 -7.22 -33.03
N ALA A 181 -0.01 -7.40 -31.70
CA ALA A 181 -0.41 -6.31 -30.81
C ALA A 181 0.45 -5.06 -31.00
N PHE A 182 1.75 -5.21 -31.23
CA PHE A 182 2.58 -4.02 -31.49
C PHE A 182 2.07 -3.29 -32.75
N LYS A 183 1.71 -4.05 -33.80
CA LYS A 183 1.33 -3.47 -35.09
C LYS A 183 -0.11 -2.95 -35.07
N ALA A 184 -0.97 -3.55 -34.25
CA ALA A 184 -2.37 -3.14 -34.10
C ALA A 184 -2.46 -1.72 -33.52
N HIS A 185 -1.48 -1.33 -32.69
CA HIS A 185 -1.33 0.00 -32.15
C HIS A 185 0.02 0.57 -32.60
N ASP A 186 0.29 0.46 -33.92
CA ASP A 186 1.56 0.77 -34.44
C ASP A 186 2.00 2.17 -34.00
N GLY A 187 3.21 2.27 -33.45
CA GLY A 187 3.84 3.55 -33.11
C GLY A 187 3.41 4.04 -31.73
N ASP A 188 2.53 3.31 -31.05
CA ASP A 188 1.93 3.86 -29.80
C ASP A 188 2.13 2.92 -28.60
N ILE A 189 3.12 2.06 -28.65
CA ILE A 189 3.34 1.12 -27.51
C ILE A 189 4.32 1.76 -26.53
N ALA A 190 3.82 2.00 -25.32
CA ALA A 190 4.61 2.50 -24.20
C ALA A 190 5.33 1.35 -23.48
N ALA A 191 4.66 0.21 -23.31
CA ALA A 191 5.24 -0.90 -22.57
C ALA A 191 4.54 -2.23 -22.88
N VAL A 192 5.29 -3.31 -22.72
CA VAL A 192 4.81 -4.68 -22.60
C VAL A 192 4.99 -5.13 -21.13
N PHE A 193 3.90 -5.53 -20.48
CA PHE A 193 3.94 -6.22 -19.19
C PHE A 193 3.84 -7.73 -19.41
N ALA A 194 4.69 -8.48 -18.73
CA ALA A 194 4.66 -9.94 -18.72
C ALA A 194 5.01 -10.45 -17.34
N THR A 195 4.17 -11.35 -16.81
CA THR A 195 4.57 -12.24 -15.71
C THR A 195 5.61 -13.20 -16.27
N PRO A 196 6.56 -13.65 -15.44
CA PRO A 196 7.63 -14.52 -15.95
C PRO A 196 7.20 -15.95 -16.30
N PHE A 197 6.07 -16.44 -15.75
CA PHE A 197 5.34 -17.61 -16.26
C PHE A 197 3.87 -17.32 -16.12
N ARG A 198 3.03 -18.21 -16.67
CA ARG A 198 1.58 -18.10 -16.56
C ARG A 198 1.18 -18.65 -15.20
N HIS A 199 0.69 -17.74 -14.36
CA HIS A 199 0.34 -18.04 -12.97
C HIS A 199 -1.00 -17.37 -12.61
N GLU A 200 -2.11 -18.04 -12.99
CA GLU A 200 -3.44 -17.44 -12.80
C GLU A 200 -4.42 -18.46 -12.21
N VAL A 201 -5.48 -17.94 -11.59
CA VAL A 201 -6.48 -18.78 -10.97
C VAL A 201 -7.26 -19.56 -12.02
N PHE A 202 -7.68 -20.76 -11.59
CA PHE A 202 -8.59 -21.66 -12.33
C PHE A 202 -7.99 -22.09 -13.67
N GLU A 203 -6.67 -22.00 -13.83
CA GLU A 203 -6.02 -22.24 -15.10
C GLU A 203 -4.70 -22.96 -14.81
N ASP A 204 -4.34 -23.94 -15.67
CA ASP A 204 -3.04 -24.56 -15.59
C ASP A 204 -1.95 -23.48 -15.75
N GLN A 205 -0.84 -23.68 -15.07
CA GLN A 205 0.29 -22.85 -15.20
C GLN A 205 1.13 -23.38 -16.37
N ALA A 206 2.02 -22.52 -16.86
CA ALA A 206 2.90 -22.84 -17.95
C ALA A 206 4.13 -21.96 -17.87
N LEU A 207 5.31 -22.54 -18.10
CA LEU A 207 6.54 -21.77 -18.16
C LEU A 207 6.54 -20.83 -19.38
N ALA A 208 7.24 -19.68 -19.28
CA ALA A 208 7.44 -18.77 -20.42
C ALA A 208 8.22 -19.53 -21.49
N GLN A 209 7.80 -19.35 -22.74
CA GLN A 209 8.52 -19.92 -23.86
C GLN A 209 9.57 -18.92 -24.35
N LEU A 210 10.75 -19.44 -24.70
CA LEU A 210 11.89 -18.63 -25.09
C LEU A 210 11.52 -17.72 -26.27
N GLU A 211 10.79 -18.25 -27.26
CA GLU A 211 10.49 -17.49 -28.45
C GLU A 211 9.57 -16.31 -28.08
N PHE A 212 8.67 -16.55 -27.13
CA PHE A 212 7.75 -15.51 -26.70
C PHE A 212 8.56 -14.38 -26.03
N ALA A 213 9.43 -14.77 -25.12
CA ALA A 213 10.23 -13.82 -24.34
C ALA A 213 11.16 -13.03 -25.27
N ARG A 214 11.79 -13.73 -26.24
CA ARG A 214 12.65 -13.04 -27.20
C ARG A 214 11.86 -12.04 -28.02
N THR A 215 10.67 -12.43 -28.48
CA THR A 215 9.86 -11.54 -29.27
C THR A 215 9.51 -10.30 -28.44
N ALA A 216 9.17 -10.47 -27.14
CA ALA A 216 8.87 -9.33 -26.31
C ALA A 216 10.07 -8.37 -26.27
N ARG A 217 11.27 -8.92 -26.03
CA ARG A 217 12.46 -8.09 -25.91
C ARG A 217 12.75 -7.43 -27.26
N LYS A 218 12.64 -8.19 -28.35
CA LYS A 218 12.97 -7.68 -29.70
C LYS A 218 12.00 -6.55 -30.12
N CYS A 219 10.70 -6.74 -29.93
CA CYS A 219 9.72 -5.76 -30.31
C CYS A 219 9.89 -4.50 -29.47
N CYS A 220 10.18 -4.66 -28.17
CA CYS A 220 10.45 -3.50 -27.34
C CYS A 220 11.70 -2.75 -27.86
N ASP A 221 12.79 -3.48 -28.14
CA ASP A 221 14.01 -2.86 -28.63
C ASP A 221 13.72 -2.07 -29.92
N GLU A 222 13.01 -2.70 -30.85
CA GLU A 222 12.74 -2.08 -32.16
C GLU A 222 11.91 -0.82 -32.01
N THR A 223 11.03 -0.74 -31.00
CA THR A 223 10.05 0.35 -30.96
C THR A 223 10.40 1.40 -29.91
N GLY A 224 11.32 1.09 -29.00
CA GLY A 224 11.55 1.96 -27.84
C GLY A 224 10.58 1.74 -26.66
N ALA A 225 9.60 0.83 -26.77
CA ALA A 225 8.72 0.47 -25.66
C ALA A 225 9.53 -0.18 -24.53
N LEU A 226 9.06 0.00 -23.28
CA LEU A 226 9.72 -0.68 -22.18
C LEU A 226 9.14 -2.06 -21.92
N LEU A 227 10.05 -3.01 -21.78
CA LEU A 227 9.73 -4.36 -21.30
C LEU A 227 9.67 -4.38 -19.76
N VAL A 228 8.50 -4.74 -19.24
CA VAL A 228 8.25 -4.81 -17.79
C VAL A 228 7.95 -6.25 -17.40
N VAL A 229 8.84 -6.84 -16.58
CA VAL A 229 8.57 -8.13 -16.00
C VAL A 229 7.93 -7.91 -14.62
N ASP A 230 6.74 -8.47 -14.44
CA ASP A 230 6.05 -8.39 -13.17
C ASP A 230 6.43 -9.62 -12.35
N ASP A 231 7.42 -9.45 -11.48
CA ASP A 231 7.99 -10.49 -10.67
C ASP A 231 7.42 -10.43 -9.24
N VAL A 232 6.25 -9.81 -9.04
CA VAL A 232 5.70 -9.68 -7.70
C VAL A 232 5.42 -11.05 -7.09
N ARG A 233 4.93 -12.00 -7.90
CA ARG A 233 4.56 -13.28 -7.42
C ARG A 233 5.71 -14.30 -7.41
N ALA A 234 6.48 -14.32 -8.50
CA ALA A 234 7.52 -15.37 -8.72
C ALA A 234 8.89 -14.95 -8.20
N GLY A 235 9.10 -13.64 -7.95
CA GLY A 235 10.36 -13.12 -7.56
C GLY A 235 10.93 -13.87 -6.37
N PHE A 236 12.19 -14.29 -6.54
CA PHE A 236 12.99 -14.98 -5.56
C PHE A 236 12.56 -16.44 -5.34
N ARG A 237 11.54 -16.96 -6.03
CA ARG A 237 11.32 -18.40 -6.00
C ARG A 237 11.71 -19.06 -7.34
N VAL A 238 11.97 -18.25 -8.35
CA VAL A 238 12.53 -18.77 -9.65
C VAL A 238 14.06 -18.64 -9.63
N ALA A 239 14.58 -17.50 -9.19
CA ALA A 239 16.01 -17.22 -9.22
C ALA A 239 16.34 -16.19 -8.15
N ARG A 240 17.63 -15.89 -7.98
CA ARG A 240 18.08 -14.83 -7.07
C ARG A 240 18.16 -13.48 -7.81
N ASP A 241 17.69 -13.46 -9.06
CA ASP A 241 17.52 -12.32 -9.89
C ASP A 241 16.11 -12.41 -10.53
N CYS A 242 15.81 -11.48 -11.43
CA CYS A 242 14.61 -11.48 -12.21
C CYS A 242 14.35 -12.88 -12.76
N SER A 243 13.10 -13.33 -12.71
CA SER A 243 12.76 -14.68 -13.06
C SER A 243 12.99 -15.00 -14.55
N TRP A 244 13.22 -14.01 -15.42
CA TRP A 244 13.63 -14.30 -16.83
C TRP A 244 15.16 -14.47 -17.00
N THR A 245 15.92 -14.50 -15.91
CA THR A 245 17.37 -14.56 -16.03
C THR A 245 17.78 -15.81 -16.82
N HIS A 246 17.16 -16.95 -16.52
CA HIS A 246 17.52 -18.23 -17.16
C HIS A 246 17.17 -18.25 -18.66
N LEU A 247 16.29 -17.37 -19.14
CA LEU A 247 16.02 -17.23 -20.62
C LEU A 247 17.00 -16.27 -21.31
N GLY A 248 17.87 -15.61 -20.56
CA GLY A 248 18.83 -14.66 -21.13
C GLY A 248 18.14 -13.39 -21.57
N ILE A 249 16.93 -13.15 -21.06
CA ILE A 249 16.13 -11.96 -21.45
C ILE A 249 16.02 -11.02 -20.24
N GLU A 250 16.58 -9.79 -20.40
CA GLU A 250 16.59 -8.77 -19.37
C GLU A 250 15.55 -7.71 -19.69
N PRO A 251 14.62 -7.40 -18.75
CA PRO A 251 13.64 -6.36 -19.00
C PRO A 251 14.24 -4.96 -18.77
N ASP A 252 13.48 -3.92 -19.08
CA ASP A 252 13.85 -2.56 -18.72
C ASP A 252 13.42 -2.23 -17.28
N LEU A 253 12.23 -2.72 -16.89
CA LEU A 253 11.66 -2.53 -15.56
C LEU A 253 11.27 -3.90 -15.03
N SER A 254 11.45 -4.11 -13.73
CA SER A 254 10.87 -5.28 -13.07
C SER A 254 10.19 -4.83 -11.78
N CYS A 255 9.06 -5.48 -11.50
CA CYS A 255 8.24 -5.17 -10.31
C CYS A 255 8.36 -6.33 -9.33
N TRP A 256 8.54 -5.98 -8.05
CA TRP A 256 8.83 -6.90 -7.00
C TRP A 256 7.95 -6.58 -5.79
N GLY A 257 7.67 -7.63 -5.00
CA GLY A 257 6.83 -7.48 -3.83
C GLY A 257 6.70 -8.82 -3.11
N LYS A 258 5.65 -8.88 -2.29
CA LYS A 258 5.23 -10.04 -1.47
CA LYS A 258 5.24 -10.05 -1.49
C LYS A 258 6.32 -10.50 -0.49
N CYS A 259 7.42 -11.09 -0.97
CA CYS A 259 8.28 -11.94 -0.12
C CYS A 259 9.65 -11.37 0.14
N PHE A 260 10.02 -10.22 -0.43
CA PHE A 260 11.44 -9.81 -0.32
C PHE A 260 11.76 -9.17 1.04
N ALA A 261 10.74 -9.02 1.90
CA ALA A 261 10.99 -8.76 3.34
C ALA A 261 10.29 -9.83 4.23
N ASN A 262 10.07 -11.01 3.68
CA ASN A 262 9.54 -12.19 4.34
C ASN A 262 8.23 -11.91 5.11
N GLY A 263 7.36 -11.01 4.59
CA GLY A 263 6.07 -10.72 5.17
C GLY A 263 5.92 -9.25 5.58
N TYR A 264 7.04 -8.52 5.76
CA TYR A 264 6.96 -7.07 6.02
C TYR A 264 6.42 -6.40 4.75
N PRO A 265 5.62 -5.33 4.86
CA PRO A 265 5.00 -4.73 3.68
C PRO A 265 5.91 -3.73 2.95
N ILE A 266 6.43 -4.18 1.81
CA ILE A 266 7.25 -3.35 0.97
C ILE A 266 7.27 -3.99 -0.42
N SER A 267 7.23 -3.12 -1.41
CA SER A 267 7.31 -3.53 -2.83
C SER A 267 8.27 -2.58 -3.53
N ALA A 268 8.63 -2.90 -4.77
CA ALA A 268 9.70 -2.20 -5.44
C ALA A 268 9.52 -2.21 -6.95
N LEU A 269 9.94 -1.08 -7.54
CA LEU A 269 10.23 -1.01 -8.99
C LEU A 269 11.74 -0.90 -9.19
N LEU A 270 12.34 -1.81 -9.97
CA LEU A 270 13.79 -1.85 -10.34
C LEU A 270 13.85 -1.46 -11.81
N GLY A 271 14.76 -0.56 -12.15
CA GLY A 271 14.77 0.01 -13.51
C GLY A 271 16.18 0.20 -13.99
N SER A 272 16.37 0.10 -15.31
CA SER A 272 17.62 0.39 -15.95
C SER A 272 17.77 1.91 -16.10
N ASN A 273 19.00 2.37 -16.32
CA ASN A 273 19.30 3.79 -16.53
C ASN A 273 18.54 4.40 -17.72
N LYS A 274 18.21 3.62 -18.75
CA LYS A 274 17.34 4.04 -19.87
C LYS A 274 16.08 4.78 -19.33
N ALA A 275 15.50 4.27 -18.24
CA ALA A 275 14.23 4.73 -17.71
C ALA A 275 14.36 5.73 -16.55
N ARG A 276 15.59 6.10 -16.16
CA ARG A 276 15.78 6.90 -14.93
C ARG A 276 15.11 8.27 -15.03
N ASP A 277 15.20 8.94 -16.19
CA ASP A 277 14.68 10.30 -16.33
C ASP A 277 13.17 10.29 -16.13
N ALA A 278 12.49 9.32 -16.77
CA ALA A 278 11.05 9.23 -16.66
C ALA A 278 10.67 8.93 -15.19
N ALA A 279 11.44 8.09 -14.54
CA ALA A 279 11.20 7.78 -13.12
C ALA A 279 11.27 9.05 -12.27
N ARG A 280 12.15 10.00 -12.62
CA ARG A 280 12.21 11.28 -11.86
C ARG A 280 11.07 12.24 -12.20
N ASP A 281 10.52 12.10 -13.41
CA ASP A 281 9.52 13.04 -13.91
C ASP A 281 8.13 12.74 -13.34
N ILE A 282 7.84 11.46 -13.12
CA ILE A 282 6.54 11.10 -12.62
C ILE A 282 6.45 11.46 -11.14
N PHE A 283 5.22 11.58 -10.67
CA PHE A 283 4.98 11.81 -9.22
C PHE A 283 4.22 10.63 -8.62
N VAL A 284 4.94 9.85 -7.79
CA VAL A 284 4.38 8.72 -7.07
C VAL A 284 4.91 8.79 -5.64
N THR A 285 4.03 8.50 -4.69
CA THR A 285 4.41 8.57 -3.32
C THR A 285 3.35 7.89 -2.46
N GLY A 286 3.71 7.65 -1.18
CA GLY A 286 2.71 7.34 -0.19
C GLY A 286 3.27 7.52 1.21
N SER A 287 2.36 7.82 2.13
CA SER A 287 2.66 8.07 3.55
C SER A 287 3.66 7.08 4.13
N PHE A 288 3.57 5.82 3.71
CA PHE A 288 4.23 4.72 4.35
C PHE A 288 5.41 4.20 3.53
N TRP A 289 5.66 4.82 2.37
CA TRP A 289 6.65 4.26 1.40
C TRP A 289 8.09 4.42 1.86
N PHE A 290 8.33 5.28 2.88
CA PHE A 290 9.67 5.61 3.33
C PHE A 290 9.95 4.99 4.70
N SER A 291 9.06 4.09 5.16
CA SER A 291 9.21 3.50 6.50
C SER A 291 10.41 2.56 6.54
N ALA A 292 11.21 2.67 7.59
CA ALA A 292 12.46 2.00 7.73
C ALA A 292 12.34 0.53 8.16
N VAL A 293 11.38 0.13 9.00
CA VAL A 293 11.38 -1.23 9.55
C VAL A 293 11.20 -2.23 8.42
N PRO A 294 10.24 -2.07 7.49
CA PRO A 294 10.18 -2.98 6.34
C PRO A 294 11.46 -3.00 5.50
N MET A 295 12.15 -1.86 5.40
CA MET A 295 13.41 -1.79 4.67
C MET A 295 14.51 -2.61 5.37
N ALA A 296 14.56 -2.56 6.70
CA ALA A 296 15.51 -3.36 7.49
C ALA A 296 15.22 -4.84 7.31
N ALA A 297 13.92 -5.20 7.30
CA ALA A 297 13.59 -6.61 7.08
C ALA A 297 14.00 -7.04 5.67
N ALA A 298 13.79 -6.16 4.71
CA ALA A 298 14.15 -6.43 3.31
C ALA A 298 15.67 -6.62 3.18
N ILE A 299 16.47 -5.75 3.84
CA ILE A 299 17.93 -5.88 3.74
C ILE A 299 18.36 -7.26 4.24
N GLU A 300 17.80 -7.73 5.35
CA GLU A 300 18.22 -9.02 5.92
C GLU A 300 17.69 -10.21 5.06
N THR A 301 16.47 -10.10 4.56
CA THR A 301 15.92 -11.09 3.65
C THR A 301 16.81 -11.18 2.40
N LEU A 302 17.15 -10.04 1.79
CA LEU A 302 17.97 -10.04 0.56
C LEU A 302 19.35 -10.64 0.86
N ARG A 303 19.90 -10.39 2.06
CA ARG A 303 21.16 -11.02 2.46
C ARG A 303 21.02 -12.53 2.49
N ILE A 304 19.98 -13.05 3.13
CA ILE A 304 19.76 -14.46 3.22
C ILE A 304 19.59 -15.05 1.81
N ILE A 305 18.90 -14.32 0.92
CA ILE A 305 18.70 -14.78 -0.46
C ILE A 305 20.06 -14.93 -1.14
N ARG A 306 20.96 -13.97 -0.91
CA ARG A 306 22.21 -13.97 -1.57
C ARG A 306 23.10 -15.09 -1.00
N GLU A 307 23.04 -15.31 0.31
CA GLU A 307 24.13 -15.97 1.02
C GLU A 307 23.80 -17.40 1.43
N THR A 308 22.55 -17.85 1.24
CA THR A 308 22.14 -19.13 1.77
C THR A 308 21.49 -19.94 0.65
N PRO A 309 21.45 -21.28 0.78
CA PRO A 309 20.77 -22.13 -0.20
C PRO A 309 19.24 -22.24 0.00
N TYR A 310 18.61 -21.12 0.36
CA TYR A 310 17.17 -21.06 0.65
C TYR A 310 16.43 -21.60 -0.60
N LEU A 311 16.91 -21.24 -1.78
CA LEU A 311 16.15 -21.45 -3.06
C LEU A 311 16.18 -22.95 -3.37
N GLU A 312 17.37 -23.53 -3.30
CA GLU A 312 17.55 -24.98 -3.54
C GLU A 312 16.74 -25.80 -2.56
N THR A 313 16.73 -25.38 -1.28
CA THR A 313 15.96 -26.05 -0.23
C THR A 313 14.45 -26.07 -0.55
N LEU A 314 13.87 -24.92 -0.89
CA LEU A 314 12.40 -24.86 -1.12
C LEU A 314 12.06 -25.57 -2.43
N ILE A 315 12.96 -25.55 -3.40
CA ILE A 315 12.71 -26.30 -4.65
C ILE A 315 12.73 -27.81 -4.38
N ALA A 316 13.71 -28.29 -3.61
CA ALA A 316 13.76 -29.72 -3.24
C ALA A 316 12.46 -30.14 -2.55
N SER A 317 11.94 -29.35 -1.63
CA SER A 317 10.70 -29.69 -0.98
C SER A 317 9.55 -29.75 -1.98
N GLY A 318 9.51 -28.78 -2.88
CA GLY A 318 8.48 -28.77 -3.94
C GLY A 318 8.54 -30.02 -4.81
N ALA A 319 9.76 -30.38 -5.21
CA ALA A 319 9.99 -31.53 -6.12
C ALA A 319 9.54 -32.82 -5.41
N ALA A 320 9.88 -32.94 -4.11
CA ALA A 320 9.50 -34.14 -3.34
C ALA A 320 7.98 -34.25 -3.22
N LEU A 321 7.31 -33.12 -2.97
CA LEU A 321 5.88 -33.12 -2.91
C LEU A 321 5.28 -33.54 -4.25
N ARG A 322 5.83 -32.99 -5.33
CA ARG A 322 5.31 -33.28 -6.68
C ARG A 322 5.43 -34.80 -7.00
N ALA A 323 6.60 -35.36 -6.73
CA ALA A 323 6.84 -36.77 -6.95
C ALA A 323 5.90 -37.62 -6.12
N GLY A 324 5.69 -37.24 -4.87
CA GLY A 324 4.87 -38.01 -4.01
C GLY A 324 3.42 -38.02 -4.49
N LEU A 325 2.95 -36.85 -4.95
CA LEU A 325 1.57 -36.76 -5.44
C LEU A 325 1.40 -37.50 -6.77
N GLU A 326 2.41 -37.50 -7.64
CA GLU A 326 2.35 -38.26 -8.86
C GLU A 326 2.13 -39.73 -8.49
N ALA A 327 2.93 -40.24 -7.55
CA ALA A 327 2.86 -41.67 -7.22
C ALA A 327 1.49 -41.99 -6.59
N GLN A 328 1.03 -41.16 -5.65
CA GLN A 328 -0.28 -41.40 -5.00
C GLN A 328 -1.42 -41.33 -6.01
N SER A 329 -1.35 -40.34 -6.91
CA SER A 329 -2.28 -40.13 -8.03
C SER A 329 -2.46 -41.43 -8.83
N GLN A 330 -1.33 -42.00 -9.28
CA GLN A 330 -1.41 -43.24 -10.05
C GLN A 330 -2.05 -44.35 -9.20
N ARG A 331 -1.71 -44.46 -7.92
CA ARG A 331 -2.19 -45.57 -7.08
C ARG A 331 -3.71 -45.52 -6.88
N HIS A 332 -4.26 -44.32 -6.73
CA HIS A 332 -5.66 -44.11 -6.46
C HIS A 332 -6.50 -43.98 -7.75
N GLY A 333 -5.85 -43.88 -8.93
CA GLY A 333 -6.53 -43.77 -10.24
C GLY A 333 -7.18 -42.41 -10.48
N LEU A 334 -6.61 -41.36 -9.86
CA LEU A 334 -7.13 -40.00 -9.95
C LEU A 334 -6.03 -39.11 -10.50
N GLU A 335 -5.98 -39.00 -11.83
CA GLU A 335 -4.94 -38.24 -12.56
C GLU A 335 -4.93 -36.76 -12.13
N LEU A 336 -3.72 -36.27 -11.77
CA LEU A 336 -3.48 -34.83 -11.50
C LEU A 336 -2.90 -34.13 -12.73
N LYS A 337 -3.08 -32.80 -12.74
CA LYS A 337 -2.32 -31.90 -13.56
C LYS A 337 -1.54 -31.00 -12.58
N GLN A 338 -0.27 -31.34 -12.36
CA GLN A 338 0.62 -30.50 -11.52
C GLN A 338 1.42 -29.65 -12.49
N THR A 339 1.22 -28.33 -12.45
CA THR A 339 1.78 -27.46 -13.45
C THR A 339 2.52 -26.30 -12.82
N GLY A 340 3.41 -25.73 -13.64
CA GLY A 340 4.28 -24.71 -13.21
C GLY A 340 5.41 -25.28 -12.37
N PRO A 341 6.28 -24.39 -11.87
CA PRO A 341 7.42 -24.83 -11.08
C PRO A 341 6.96 -25.57 -9.81
N ALA A 342 7.67 -26.64 -9.42
CA ALA A 342 7.23 -27.45 -8.26
C ALA A 342 7.21 -26.59 -6.98
N GLN A 343 8.03 -25.57 -6.95
CA GLN A 343 8.08 -24.64 -5.81
C GLN A 343 6.96 -23.59 -5.82
N MET A 344 6.17 -23.49 -6.91
CA MET A 344 4.95 -22.63 -6.94
C MET A 344 3.90 -23.37 -7.72
N PRO A 345 3.46 -24.52 -7.20
CA PRO A 345 2.69 -25.44 -8.02
C PRO A 345 1.21 -25.15 -8.10
N GLN A 346 0.63 -25.43 -9.26
CA GLN A 346 -0.82 -25.50 -9.41
C GLN A 346 -1.18 -26.97 -9.47
N ILE A 347 -2.09 -27.42 -8.61
CA ILE A 347 -2.37 -28.86 -8.51
C ILE A 347 -3.87 -29.04 -8.72
N PHE A 348 -4.23 -29.39 -9.95
CA PHE A 348 -5.55 -29.63 -10.36
C PHE A 348 -5.74 -31.15 -10.64
N PHE A 349 -7.00 -31.55 -10.75
CA PHE A 349 -7.38 -32.91 -11.23
C PHE A 349 -7.67 -32.86 -12.72
N ALA A 350 -7.17 -33.86 -13.47
CA ALA A 350 -7.56 -34.02 -14.88
C ALA A 350 -9.07 -34.28 -14.90
N ASP A 351 -9.78 -33.84 -15.95
CA ASP A 351 -11.20 -34.24 -16.15
C ASP A 351 -12.08 -33.77 -14.98
N ASP A 352 -11.85 -32.53 -14.54
CA ASP A 352 -12.52 -31.93 -13.37
C ASP A 352 -12.95 -30.52 -13.74
N PRO A 353 -13.75 -30.34 -14.81
CA PRO A 353 -14.01 -29.01 -15.34
C PRO A 353 -14.80 -28.12 -14.38
N ASP A 354 -15.58 -28.67 -13.44
CA ASP A 354 -16.23 -27.78 -12.48
C ASP A 354 -15.56 -27.77 -11.11
N PHE A 355 -14.38 -28.41 -11.00
CA PHE A 355 -13.51 -28.36 -9.82
C PHE A 355 -14.08 -29.14 -8.64
N ARG A 356 -15.20 -29.88 -8.80
CA ARG A 356 -15.82 -30.56 -7.62
C ARG A 356 -14.83 -31.56 -7.00
N ILE A 357 -13.97 -32.19 -7.82
CA ILE A 357 -13.02 -33.19 -7.32
C ILE A 357 -11.91 -32.48 -6.57
N GLY A 358 -11.31 -31.47 -7.21
CA GLY A 358 -10.24 -30.68 -6.59
C GLY A 358 -10.67 -30.01 -5.30
N TYR A 359 -11.89 -29.48 -5.28
CA TYR A 359 -12.48 -28.87 -4.08
C TYR A 359 -12.56 -29.89 -2.95
N ALA A 360 -13.12 -31.08 -3.26
CA ALA A 360 -13.32 -32.14 -2.24
C ALA A 360 -11.95 -32.58 -1.68
N TRP A 361 -10.97 -32.73 -2.56
CA TRP A 361 -9.63 -33.18 -2.16
C TRP A 361 -8.94 -32.15 -1.26
N ALA A 362 -9.03 -30.88 -1.64
CA ALA A 362 -8.42 -29.84 -0.87
C ALA A 362 -9.06 -29.80 0.52
N ALA A 363 -10.40 -29.91 0.58
CA ALA A 363 -11.11 -29.86 1.85
C ALA A 363 -10.68 -31.04 2.73
N ALA A 364 -10.54 -32.22 2.12
CA ALA A 364 -10.10 -33.40 2.84
C ALA A 364 -8.68 -33.23 3.37
N CYS A 365 -7.79 -32.52 2.67
CA CYS A 365 -6.42 -32.29 3.18
C CYS A 365 -6.43 -31.47 4.47
N LEU A 366 -7.40 -30.57 4.63
CA LEU A 366 -7.51 -29.79 5.86
C LEU A 366 -7.64 -30.70 7.09
N LYS A 367 -8.42 -31.78 6.97
CA LYS A 367 -8.66 -32.65 8.14
C LYS A 367 -7.34 -33.27 8.58
N GLY A 368 -6.40 -33.45 7.65
CA GLY A 368 -5.10 -33.96 7.98
C GLY A 368 -4.08 -32.88 8.29
N GLY A 369 -4.51 -31.62 8.48
CA GLY A 369 -3.55 -30.62 8.91
C GLY A 369 -2.67 -30.07 7.78
N VAL A 370 -3.20 -30.00 6.56
CA VAL A 370 -2.52 -29.50 5.39
C VAL A 370 -3.46 -28.48 4.74
N TYR A 371 -2.90 -27.32 4.38
CA TYR A 371 -3.63 -26.28 3.65
C TYR A 371 -3.07 -26.23 2.23
N VAL A 372 -3.88 -26.73 1.28
CA VAL A 372 -3.60 -26.68 -0.15
C VAL A 372 -4.83 -26.05 -0.81
N HIS A 373 -4.66 -25.57 -2.04
CA HIS A 373 -5.60 -24.67 -2.66
C HIS A 373 -6.09 -25.28 -3.98
N PRO A 374 -7.43 -25.42 -4.18
CA PRO A 374 -7.95 -26.02 -5.41
C PRO A 374 -7.99 -25.14 -6.67
N TYR A 375 -7.74 -23.82 -6.56
CA TYR A 375 -7.83 -22.99 -7.78
C TYR A 375 -6.67 -21.99 -7.94
N HIS A 376 -5.91 -21.72 -6.89
CA HIS A 376 -4.81 -20.74 -6.88
C HIS A 376 -3.49 -21.48 -6.68
N ASN A 377 -2.45 -21.02 -7.38
CA ASN A 377 -1.13 -21.65 -7.24
C ASN A 377 -0.69 -21.54 -5.79
N MET A 378 0.08 -22.55 -5.39
CA MET A 378 0.66 -22.64 -4.07
C MET A 378 2.12 -22.17 -4.13
N PHE A 379 2.78 -22.27 -2.98
CA PHE A 379 4.10 -21.79 -2.76
C PHE A 379 4.85 -22.65 -1.72
N LEU A 380 6.13 -22.88 -1.95
CA LEU A 380 6.99 -23.47 -0.96
C LEU A 380 7.84 -22.38 -0.30
N SER A 381 8.12 -22.59 0.99
CA SER A 381 9.05 -21.80 1.78
C SER A 381 10.31 -22.62 2.11
N ALA A 382 11.40 -21.92 2.41
CA ALA A 382 12.62 -22.56 2.90
C ALA A 382 12.42 -23.21 4.28
N ALA A 383 11.29 -22.94 4.97
CA ALA A 383 11.01 -23.54 6.28
C ALA A 383 10.27 -24.88 6.18
N HIS A 384 9.78 -25.27 4.98
CA HIS A 384 9.16 -26.57 4.79
C HIS A 384 10.26 -27.66 4.89
N THR A 385 10.08 -28.63 5.78
CA THR A 385 11.10 -29.68 6.00
C THR A 385 10.74 -30.97 5.27
N VAL A 386 11.73 -31.88 5.22
CA VAL A 386 11.48 -33.21 4.68
C VAL A 386 10.37 -33.86 5.51
N ASP A 387 10.36 -33.68 6.84
CA ASP A 387 9.29 -34.20 7.71
C ASP A 387 7.93 -33.58 7.34
N ASP A 388 7.92 -32.28 7.05
CA ASP A 388 6.66 -31.63 6.68
C ASP A 388 6.11 -32.31 5.41
N VAL A 389 6.99 -32.58 4.45
CA VAL A 389 6.53 -33.16 3.21
C VAL A 389 6.01 -34.58 3.47
N THR A 390 6.72 -35.36 4.30
CA THR A 390 6.27 -36.73 4.61
C THR A 390 4.89 -36.70 5.26
N GLU A 391 4.71 -35.79 6.23
CA GLU A 391 3.44 -35.67 6.95
C GLU A 391 2.35 -35.17 5.98
N THR A 392 2.75 -34.27 5.06
CA THR A 392 1.80 -33.75 4.08
C THR A 392 1.25 -34.91 3.24
N LEU A 393 2.14 -35.80 2.84
CA LEU A 393 1.78 -36.84 1.90
C LEU A 393 0.92 -37.90 2.57
N GLU A 394 1.04 -38.08 3.90
CA GLU A 394 0.12 -38.92 4.61
C GLU A 394 -1.28 -38.32 4.59
N ALA A 395 -1.37 -36.99 4.70
CA ALA A 395 -2.66 -36.30 4.65
C ALA A 395 -3.25 -36.39 3.24
N THR A 396 -2.38 -36.26 2.22
CA THR A 396 -2.89 -36.23 0.85
C THR A 396 -3.36 -37.64 0.47
N ASP A 397 -2.68 -38.67 0.99
CA ASP A 397 -3.13 -40.07 0.73
C ASP A 397 -4.57 -40.28 1.22
N ARG A 398 -4.82 -39.89 2.46
CA ARG A 398 -6.13 -40.00 3.04
C ARG A 398 -7.14 -39.14 2.26
N ALA A 399 -6.69 -38.01 1.73
CA ALA A 399 -7.61 -37.15 1.01
C ALA A 399 -8.04 -37.82 -0.29
N PHE A 400 -7.10 -38.44 -0.98
CA PHE A 400 -7.41 -39.22 -2.18
C PHE A 400 -8.44 -40.30 -1.82
N SER A 401 -8.24 -41.00 -0.69
CA SER A 401 -9.21 -42.06 -0.27
C SER A 401 -10.59 -41.49 -0.01
N ALA A 402 -10.66 -40.31 0.64
CA ALA A 402 -11.93 -39.69 0.96
C ALA A 402 -12.66 -39.30 -0.34
N VAL A 403 -11.91 -38.80 -1.33
CA VAL A 403 -12.50 -38.43 -2.62
C VAL A 403 -13.05 -39.68 -3.34
N LEU A 404 -12.32 -40.79 -3.29
CA LEU A 404 -12.79 -42.05 -3.90
C LEU A 404 -14.04 -42.58 -3.19
N ARG A 405 -14.06 -42.51 -1.86
CA ARG A 405 -15.15 -42.98 -1.06
C ARG A 405 -16.41 -42.16 -1.38
N ASP A 406 -16.25 -40.82 -1.48
CA ASP A 406 -17.40 -39.91 -1.62
C ASP A 406 -17.70 -39.55 -3.09
N PHE A 407 -17.00 -40.19 -4.04
CA PHE A 407 -16.97 -39.73 -5.44
C PHE A 407 -18.36 -39.55 -6.04
N ALA A 408 -19.29 -40.47 -5.78
CA ALA A 408 -20.66 -40.43 -6.35
C ALA A 408 -21.49 -39.25 -5.79
N SER A 409 -21.11 -38.68 -4.64
CA SER A 409 -21.92 -37.65 -3.97
C SER A 409 -21.30 -36.23 -4.11
N LEU A 410 -20.16 -36.09 -4.79
CA LEU A 410 -19.45 -34.77 -4.91
C LEU A 410 -20.33 -33.78 -5.67
N GLN A 411 -20.33 -32.51 -5.21
CA GLN A 411 -21.09 -31.40 -5.81
C GLN A 411 -20.15 -30.24 -6.10
N PRO A 412 -20.32 -29.45 -7.20
CA PRO A 412 -19.50 -28.25 -7.42
C PRO A 412 -19.84 -27.20 -6.36
N HIS A 413 -18.98 -26.22 -6.17
CA HIS A 413 -19.23 -25.15 -5.18
C HIS A 413 -20.35 -24.26 -5.72
N PRO A 414 -21.44 -23.99 -4.94
CA PRO A 414 -22.61 -23.28 -5.47
C PRO A 414 -22.29 -21.87 -5.99
N ILE A 415 -21.57 -21.09 -5.18
CA ILE A 415 -21.23 -19.71 -5.55
C ILE A 415 -20.30 -19.76 -6.78
N LEU A 416 -19.37 -20.74 -6.82
CA LEU A 416 -18.55 -21.01 -8.02
C LEU A 416 -19.52 -21.18 -9.21
N MET A 417 -20.52 -22.07 -9.07
CA MET A 417 -21.54 -22.29 -10.11
C MET A 417 -22.49 -21.08 -10.17
N GLY B 4 25.70 17.54 7.12
CA GLY B 4 27.05 17.15 7.61
C GLY B 4 27.64 16.07 6.72
N THR B 5 28.68 15.43 7.24
CA THR B 5 29.51 14.53 6.49
C THR B 5 28.70 13.29 6.08
N ARG B 6 27.87 12.75 6.99
CA ARG B 6 27.17 11.50 6.72
C ARG B 6 26.02 11.79 5.75
N GLN B 7 25.34 12.91 5.92
CA GLN B 7 24.27 13.33 5.02
C GLN B 7 24.81 13.46 3.59
N LYS B 8 26.00 14.08 3.44
CA LYS B 8 26.56 14.26 2.14
C LYS B 8 26.94 12.91 1.51
N ASP B 9 27.54 11.99 2.27
CA ASP B 9 27.86 10.65 1.72
C ASP B 9 26.56 9.98 1.26
N LEU B 10 25.50 10.04 2.08
CA LEU B 10 24.26 9.36 1.77
C LEU B 10 23.62 9.93 0.50
N ARG B 11 23.60 11.25 0.33
CA ARG B 11 22.99 11.87 -0.85
C ARG B 11 23.75 11.43 -2.11
N GLU B 12 25.07 11.37 -2.03
CA GLU B 12 25.91 10.94 -3.15
C GLU B 12 25.62 9.47 -3.52
N ARG B 13 25.54 8.59 -2.53
CA ARG B 13 25.23 7.19 -2.77
C ARG B 13 23.77 7.05 -3.27
N ALA B 14 22.84 7.80 -2.69
CA ALA B 14 21.42 7.72 -3.03
C ALA B 14 21.21 8.04 -4.50
N GLU B 15 21.92 9.08 -4.98
CA GLU B 15 21.79 9.57 -6.34
C GLU B 15 22.05 8.46 -7.38
N ARG B 16 22.93 7.53 -7.04
CA ARG B 16 23.30 6.50 -7.94
C ARG B 16 22.21 5.42 -8.07
N VAL B 17 21.50 5.12 -6.98
CA VAL B 17 20.66 3.88 -6.96
C VAL B 17 19.18 4.21 -6.77
N ILE B 18 18.84 5.47 -6.61
CA ILE B 18 17.46 5.91 -6.49
C ILE B 18 17.24 7.08 -7.44
N PRO B 19 16.18 7.12 -8.27
CA PRO B 19 16.05 8.20 -9.23
C PRO B 19 15.97 9.56 -8.53
N GLY B 20 16.91 10.45 -8.86
CA GLY B 20 17.02 11.78 -8.24
C GLY B 20 17.47 11.73 -6.78
N GLY B 21 17.88 10.56 -6.28
CA GLY B 21 18.36 10.33 -4.89
C GLY B 21 17.23 10.18 -3.88
N MET B 22 16.00 10.49 -4.29
CA MET B 22 14.80 10.40 -3.51
C MET B 22 13.64 10.94 -4.36
N TYR B 23 12.40 10.74 -3.87
CA TYR B 23 11.17 10.99 -4.70
C TYR B 23 10.00 11.15 -3.73
N GLY B 24 8.87 11.64 -4.22
CA GLY B 24 7.65 11.68 -3.47
C GLY B 24 7.65 12.82 -2.47
N HIS B 25 6.71 12.74 -1.53
CA HIS B 25 6.35 13.87 -0.66
C HIS B 25 7.46 14.15 0.36
N GLU B 26 8.35 13.19 0.65
CA GLU B 26 9.44 13.39 1.65
C GLU B 26 10.78 13.78 1.01
N SER B 27 10.81 13.92 -0.32
CA SER B 27 11.96 14.47 -1.00
C SER B 27 12.22 15.91 -0.52
N THR B 28 13.47 16.24 -0.28
CA THR B 28 13.84 17.63 0.11
C THR B 28 14.16 18.51 -1.10
N ARG B 29 13.90 18.04 -2.31
CA ARG B 29 14.28 18.74 -3.55
C ARG B 29 13.80 20.19 -3.54
N LEU B 30 12.60 20.46 -3.03
CA LEU B 30 12.06 21.83 -3.09
C LEU B 30 12.26 22.56 -1.75
N LEU B 31 13.09 22.02 -0.86
CA LEU B 31 13.35 22.66 0.41
C LEU B 31 14.72 23.32 0.35
N PRO B 32 15.00 24.28 1.25
CA PRO B 32 16.34 24.82 1.40
C PRO B 32 17.33 23.69 1.57
N PRO B 33 18.57 23.84 1.04
CA PRO B 33 19.57 22.77 1.07
C PRO B 33 19.98 22.31 2.48
N GLU B 34 19.76 23.09 3.54
CA GLU B 34 20.20 22.61 4.85
C GLU B 34 19.24 21.57 5.43
N PHE B 35 18.06 21.36 4.83
CA PHE B 35 17.14 20.30 5.28
C PHE B 35 17.80 18.94 5.04
N PRO B 36 17.92 18.08 6.08
CA PRO B 36 18.45 16.73 5.89
C PRO B 36 17.39 15.87 5.18
N GLN B 37 17.85 14.99 4.31
CA GLN B 37 16.97 14.02 3.60
C GLN B 37 16.88 12.73 4.42
N PHE B 38 17.99 12.27 5.00
CA PHE B 38 18.03 11.00 5.63
C PHE B 38 18.23 11.10 7.15
N PHE B 39 17.49 10.23 7.87
CA PHE B 39 17.44 10.20 9.34
C PHE B 39 17.99 8.89 9.87
N ARG B 40 18.35 8.93 11.16
CA ARG B 40 18.84 7.74 11.89
C ARG B 40 17.80 7.22 12.89
N ARG B 41 17.14 8.11 13.64
CA ARG B 41 16.25 7.62 14.70
C ARG B 41 15.19 8.65 15.07
N ALA B 42 14.18 8.17 15.81
CA ALA B 42 13.08 8.97 16.20
C ALA B 42 12.50 8.48 17.53
N LEU B 43 12.08 9.43 18.37
CA LEU B 43 11.54 9.08 19.65
C LEU B 43 10.72 10.28 20.16
N GLY B 44 9.47 9.98 20.57
CA GLY B 44 8.52 10.97 21.08
C GLY B 44 8.21 12.01 20.01
N ALA B 45 8.60 13.27 20.26
CA ALA B 45 8.40 14.40 19.34
C ALA B 45 9.68 14.79 18.61
N ARG B 46 10.70 13.93 18.64
CA ARG B 46 12.02 14.28 18.08
C ARG B 46 12.51 13.27 17.04
N ILE B 47 13.25 13.78 16.05
CA ILE B 47 13.95 12.98 15.05
C ILE B 47 15.42 13.40 15.11
N TRP B 48 16.30 12.45 14.76
CA TRP B 48 17.72 12.68 14.66
C TRP B 48 18.12 12.39 13.22
N ASP B 49 18.82 13.32 12.56
CA ASP B 49 19.32 13.11 11.20
C ASP B 49 20.50 12.13 11.20
N ALA B 50 21.03 11.85 10.01
CA ALA B 50 22.10 10.90 9.86
C ALA B 50 23.38 11.36 10.59
N ASP B 51 23.52 12.66 10.87
CA ASP B 51 24.69 13.20 11.61
C ASP B 51 24.35 13.39 13.11
N GLU B 52 23.30 12.71 13.58
CA GLU B 52 22.86 12.63 15.01
C GLU B 52 22.45 13.99 15.59
N GLN B 53 22.07 14.96 14.75
CA GLN B 53 21.44 16.23 15.24
C GLN B 53 19.96 15.96 15.54
N PRO B 54 19.50 16.24 16.78
CA PRO B 54 18.08 16.17 17.12
C PRO B 54 17.27 17.40 16.67
N TYR B 55 16.04 17.15 16.25
CA TYR B 55 15.09 18.21 15.91
C TYR B 55 13.77 17.91 16.61
N ILE B 56 13.17 18.94 17.23
CA ILE B 56 11.77 18.89 17.56
C ILE B 56 10.98 18.91 16.25
N ASP B 57 10.19 17.88 16.04
CA ASP B 57 9.66 17.55 14.72
C ASP B 57 8.19 18.01 14.60
N TYR B 58 7.93 19.02 13.75
CA TYR B 58 6.62 19.53 13.54
C TYR B 58 6.04 18.95 12.26
N MET B 59 6.70 17.98 11.62
CA MET B 59 6.00 17.24 10.55
C MET B 59 5.31 15.96 11.06
N CYS B 60 5.75 15.40 12.19
CA CYS B 60 5.16 14.15 12.67
C CYS B 60 5.15 13.11 11.55
N ALA B 61 6.26 12.99 10.81
CA ALA B 61 6.41 12.04 9.70
C ALA B 61 5.41 12.28 8.58
N TYR B 62 4.91 13.53 8.44
CA TYR B 62 3.89 13.96 7.48
C TYR B 62 2.52 13.39 7.88
N GLY B 63 2.33 13.11 9.19
CA GLY B 63 1.00 12.86 9.78
C GLY B 63 0.96 11.63 10.70
N PRO B 64 1.58 10.51 10.28
CA PRO B 64 1.55 9.29 11.09
C PRO B 64 1.88 9.36 12.59
N ASN B 65 2.75 10.28 13.02
CA ASN B 65 3.16 10.29 14.41
C ASN B 65 2.15 11.08 15.25
N LEU B 66 1.11 10.37 15.73
CA LEU B 66 0.04 11.03 16.47
C LEU B 66 0.35 11.09 17.97
N LEU B 67 0.98 10.01 18.50
CA LEU B 67 1.13 9.80 19.93
C LEU B 67 2.59 9.79 20.40
N GLY B 68 3.56 9.93 19.48
CA GLY B 68 4.96 9.93 19.70
C GLY B 68 5.64 8.72 19.08
N TYR B 69 6.85 8.92 18.57
CA TYR B 69 7.54 7.85 17.97
C TYR B 69 7.90 6.82 19.05
N ARG B 70 7.68 5.52 18.72
CA ARG B 70 7.99 4.39 19.61
C ARG B 70 7.21 4.50 20.91
N GLN B 71 5.95 4.89 20.79
CA GLN B 71 5.06 5.01 21.91
C GLN B 71 4.93 3.64 22.58
N SER B 72 5.22 3.59 23.89
CA SER B 72 5.50 2.30 24.49
C SER B 72 4.27 1.38 24.52
N GLU B 73 3.06 1.89 24.72
CA GLU B 73 1.88 1.04 24.76
C GLU B 73 1.60 0.44 23.37
N ILE B 74 1.76 1.25 22.33
CA ILE B 74 1.50 0.74 20.97
C ILE B 74 2.56 -0.31 20.61
N GLU B 75 3.82 -0.04 20.96
CA GLU B 75 4.88 -1.00 20.68
C GLU B 75 4.64 -2.30 21.46
N ALA B 76 4.15 -2.21 22.71
CA ALA B 76 3.87 -3.48 23.46
C ALA B 76 2.72 -4.26 22.78
N ALA B 77 1.72 -3.56 22.26
CA ALA B 77 0.61 -4.19 21.57
C ALA B 77 1.11 -4.83 20.26
N ALA B 78 2.02 -4.14 19.53
CA ALA B 78 2.59 -4.66 18.28
C ALA B 78 3.42 -5.91 18.61
N ASP B 79 4.20 -5.83 19.69
CA ASP B 79 5.06 -6.96 20.13
C ASP B 79 4.22 -8.20 20.42
N ALA B 80 3.10 -8.04 21.12
CA ALA B 80 2.23 -9.13 21.49
C ALA B 80 1.71 -9.82 20.22
N GLN B 81 1.31 -9.02 19.22
CA GLN B 81 0.82 -9.62 17.99
C GLN B 81 1.95 -10.25 17.19
N ARG B 82 3.16 -9.67 17.23
CA ARG B 82 4.24 -10.19 16.42
C ARG B 82 4.68 -11.59 16.91
N LEU B 83 4.50 -11.85 18.20
CA LEU B 83 4.76 -13.22 18.72
C LEU B 83 3.75 -14.24 18.18
N LEU B 84 2.62 -13.77 17.67
CA LEU B 84 1.56 -14.64 17.12
C LEU B 84 1.74 -14.80 15.59
N GLY B 85 1.56 -13.70 14.85
CA GLY B 85 1.69 -13.80 13.40
C GLY B 85 1.37 -12.45 12.78
N ASP B 86 1.90 -12.22 11.57
CA ASP B 86 1.68 -10.92 10.90
C ASP B 86 0.97 -11.16 9.57
N THR B 87 1.74 -11.44 8.53
CA THR B 87 1.21 -11.67 7.19
C THR B 87 0.99 -13.17 6.97
N MET B 88 -0.26 -13.61 7.07
CA MET B 88 -0.58 -15.05 7.08
C MET B 88 -1.49 -15.38 5.92
N THR B 89 -1.79 -16.67 5.74
CA THR B 89 -2.62 -17.13 4.65
C THR B 89 -4.05 -16.55 4.72
N GLY B 90 -4.50 -16.17 5.92
CA GLY B 90 -5.66 -15.35 6.06
C GLY B 90 -5.44 -14.31 7.14
N PRO B 91 -6.39 -13.39 7.32
CA PRO B 91 -6.27 -12.41 8.38
C PRO B 91 -6.30 -13.08 9.76
N SER B 92 -5.68 -12.41 10.72
CA SER B 92 -5.92 -12.70 12.11
C SER B 92 -7.37 -12.41 12.50
N GLU B 93 -7.86 -13.22 13.45
CA GLU B 93 -9.07 -12.95 14.21
C GLU B 93 -9.14 -11.49 14.65
N ILE B 94 -8.00 -10.81 14.89
CA ILE B 94 -8.07 -9.41 15.42
C ILE B 94 -8.60 -8.45 14.35
N MET B 95 -8.67 -8.88 13.09
CA MET B 95 -9.27 -8.03 12.06
C MET B 95 -10.71 -7.70 12.44
N VAL B 96 -11.40 -8.68 13.04
CA VAL B 96 -12.75 -8.50 13.44
C VAL B 96 -12.81 -7.46 14.59
N ASN B 97 -11.98 -7.63 15.61
CA ASN B 97 -11.85 -6.67 16.72
C ASN B 97 -11.59 -5.26 16.16
N LEU B 98 -10.71 -5.13 15.16
CA LEU B 98 -10.35 -3.81 14.64
C LEU B 98 -11.55 -3.18 13.95
N ALA B 99 -12.23 -3.97 13.10
CA ALA B 99 -13.39 -3.47 12.41
C ALA B 99 -14.47 -3.02 13.42
N GLU B 100 -14.74 -3.84 14.45
CA GLU B 100 -15.73 -3.47 15.48
C GLU B 100 -15.34 -2.16 16.15
N ALA B 101 -14.06 -1.99 16.47
CA ALA B 101 -13.63 -0.83 17.21
C ALA B 101 -13.78 0.41 16.33
N PHE B 102 -13.35 0.30 15.07
CA PHE B 102 -13.31 1.48 14.18
C PHE B 102 -14.74 1.87 13.87
N VAL B 103 -15.59 0.87 13.55
CA VAL B 103 -17.02 1.11 13.27
C VAL B 103 -17.71 1.74 14.49
N GLY B 104 -17.40 1.23 15.69
CA GLY B 104 -17.98 1.77 16.94
C GLY B 104 -17.67 3.25 17.13
N MET B 105 -16.49 3.69 16.69
CA MET B 105 -16.03 5.07 16.94
C MET B 105 -16.60 6.05 15.90
N VAL B 106 -16.97 5.56 14.73
CA VAL B 106 -17.31 6.42 13.61
C VAL B 106 -18.83 6.38 13.39
N ARG B 107 -19.47 7.47 13.80
CA ARG B 107 -20.92 7.49 13.89
C ARG B 107 -21.62 7.17 12.55
N HIS B 108 -21.09 7.63 11.42
CA HIS B 108 -21.75 7.40 10.15
C HIS B 108 -21.53 5.98 9.64
N ALA B 109 -20.59 5.23 10.24
CA ALA B 109 -20.13 3.99 9.62
C ALA B 109 -20.74 2.76 10.28
N ASP B 110 -21.03 1.78 9.42
CA ASP B 110 -21.50 0.43 9.80
C ASP B 110 -20.48 -0.66 9.45
N TRP B 111 -19.49 -0.37 8.61
CA TRP B 111 -18.51 -1.37 8.18
C TRP B 111 -17.18 -0.69 7.87
N ALA B 112 -16.12 -1.50 7.86
CA ALA B 112 -14.78 -1.04 7.54
C ALA B 112 -14.13 -2.02 6.57
N MET B 113 -13.25 -1.48 5.71
CA MET B 113 -12.32 -2.23 4.95
C MET B 113 -10.90 -1.67 5.20
N PHE B 114 -9.91 -2.54 5.27
CA PHE B 114 -8.54 -2.17 5.54
C PHE B 114 -7.66 -2.41 4.31
N CYS B 115 -6.67 -1.52 4.17
CA CYS B 115 -5.73 -1.53 3.04
C CYS B 115 -4.39 -0.98 3.56
N LYS B 116 -3.48 -0.55 2.68
CA LYS B 116 -2.17 -0.10 3.05
C LYS B 116 -2.06 1.42 2.99
N ASN B 117 -2.21 1.95 1.78
CA ASN B 117 -2.02 3.39 1.50
C ASN B 117 -3.36 4.12 1.61
N GLY B 118 -3.30 5.40 2.00
CA GLY B 118 -4.45 6.27 1.93
C GLY B 118 -5.03 6.30 0.52
N SER B 119 -4.14 6.24 -0.48
CA SER B 119 -4.53 6.25 -1.91
C SER B 119 -5.36 5.01 -2.23
N ASP B 120 -5.09 3.90 -1.50
CA ASP B 120 -5.86 2.67 -1.67
C ASP B 120 -7.32 2.92 -1.23
N ALA B 121 -7.50 3.64 -0.12
CA ALA B 121 -8.81 3.91 0.45
C ALA B 121 -9.58 4.85 -0.47
N THR B 122 -8.91 5.91 -0.94
CA THR B 122 -9.61 6.87 -1.79
C THR B 122 -10.00 6.24 -3.14
N SER B 123 -9.12 5.46 -3.74
CA SER B 123 -9.41 4.73 -4.96
CA SER B 123 -9.41 4.73 -4.97
C SER B 123 -10.56 3.74 -4.76
N THR B 124 -10.53 3.01 -3.63
CA THR B 124 -11.60 2.06 -3.34
C THR B 124 -12.94 2.82 -3.25
N ALA B 125 -12.94 3.98 -2.60
CA ALA B 125 -14.19 4.80 -2.41
C ALA B 125 -14.75 5.20 -3.78
N MET B 126 -13.85 5.60 -4.68
CA MET B 126 -14.18 6.00 -6.06
C MET B 126 -14.85 4.86 -6.84
N VAL B 127 -14.20 3.70 -6.86
CA VAL B 127 -14.73 2.53 -7.52
C VAL B 127 -16.06 2.09 -6.87
N LEU B 128 -16.12 2.09 -5.54
CA LEU B 128 -17.33 1.74 -4.83
C LEU B 128 -18.47 2.67 -5.26
N ALA B 129 -18.26 3.98 -5.29
CA ALA B 129 -19.32 4.91 -5.61
C ALA B 129 -19.84 4.68 -7.04
N ARG B 130 -18.93 4.37 -7.98
CA ARG B 130 -19.36 4.12 -9.35
C ARG B 130 -20.18 2.82 -9.40
N ALA B 131 -19.73 1.78 -8.68
CA ALA B 131 -20.52 0.53 -8.59
C ALA B 131 -21.89 0.78 -7.94
N HIS B 132 -21.94 1.57 -6.88
CA HIS B 132 -23.14 1.82 -6.15
C HIS B 132 -24.19 2.53 -7.00
N THR B 133 -23.76 3.55 -7.74
CA THR B 133 -24.68 4.47 -8.44
C THR B 133 -24.89 4.06 -9.90
N GLY B 134 -23.94 3.32 -10.48
CA GLY B 134 -23.89 3.08 -11.93
C GLY B 134 -23.60 4.33 -12.74
N ARG B 135 -23.01 5.35 -12.12
CA ARG B 135 -22.68 6.63 -12.75
C ARG B 135 -21.17 6.78 -12.82
N LYS B 136 -20.70 7.78 -13.58
CA LYS B 136 -19.33 7.90 -13.95
C LYS B 136 -18.61 9.01 -13.18
N THR B 137 -19.28 10.14 -12.89
CA THR B 137 -18.55 11.35 -12.55
C THR B 137 -18.27 11.38 -11.04
N ILE B 138 -16.99 11.61 -10.72
CA ILE B 138 -16.50 11.87 -9.39
C ILE B 138 -16.20 13.38 -9.28
N LEU B 139 -16.78 14.04 -8.28
CA LEU B 139 -16.52 15.47 -8.07
C LEU B 139 -15.49 15.67 -6.97
N CYS B 140 -14.43 16.38 -7.30
CA CYS B 140 -13.35 16.72 -6.37
C CYS B 140 -13.11 18.24 -6.41
N ALA B 141 -12.59 18.79 -5.30
CA ALA B 141 -12.20 20.20 -5.29
C ALA B 141 -10.93 20.40 -6.12
N LYS B 142 -10.89 21.50 -6.87
CA LYS B 142 -9.76 21.87 -7.60
C LYS B 142 -8.56 21.94 -6.66
N GLY B 143 -7.46 21.27 -7.03
CA GLY B 143 -6.19 21.26 -6.28
C GLY B 143 -6.24 20.40 -5.01
N ALA B 144 -7.33 19.69 -4.73
CA ALA B 144 -7.38 18.81 -3.51
C ALA B 144 -6.54 17.55 -3.77
N TYR B 145 -5.68 17.18 -2.81
CA TYR B 145 -4.87 16.00 -2.86
C TYR B 145 -5.64 14.82 -2.24
N HIS B 146 -5.89 13.79 -3.05
CA HIS B 146 -6.54 12.55 -2.62
C HIS B 146 -5.65 11.33 -2.78
N GLY B 147 -4.39 11.55 -3.20
CA GLY B 147 -3.43 10.46 -3.43
C GLY B 147 -2.61 10.70 -4.70
N ALA B 148 -1.85 9.68 -5.09
CA ALA B 148 -0.98 9.81 -6.22
C ALA B 148 -1.24 8.69 -7.25
N SER B 149 -2.51 8.31 -7.40
CA SER B 149 -2.96 7.35 -8.44
C SER B 149 -3.12 8.11 -9.77
N PRO B 150 -3.23 7.41 -10.91
CA PRO B 150 -3.51 8.14 -12.16
C PRO B 150 -4.73 9.09 -12.12
N TRP B 151 -5.80 8.73 -11.43
CA TRP B 151 -6.98 9.55 -11.45
C TRP B 151 -6.79 10.85 -10.64
N ASN B 152 -5.82 10.88 -9.70
CA ASN B 152 -5.79 12.04 -8.77
C ASN B 152 -4.40 12.69 -8.61
N THR B 153 -3.31 12.07 -9.08
CA THR B 153 -1.97 12.59 -8.84
C THR B 153 -1.91 14.05 -9.30
N PRO B 154 -1.32 14.94 -8.48
CA PRO B 154 -1.19 16.35 -8.84
C PRO B 154 -0.23 16.69 -9.98
N HIS B 155 0.74 15.82 -10.27
CA HIS B 155 1.64 16.08 -11.38
C HIS B 155 1.44 14.98 -12.43
N THR B 156 1.21 15.39 -13.69
CA THR B 156 0.58 14.49 -14.63
C THR B 156 1.54 13.92 -15.69
N ALA B 157 2.87 13.93 -15.46
CA ALA B 157 3.76 13.20 -16.37
C ALA B 157 3.32 11.73 -16.39
N GLY B 158 3.14 11.18 -17.60
CA GLY B 158 2.74 9.80 -17.77
C GLY B 158 1.27 9.51 -17.54
N ILE B 159 0.47 10.55 -17.28
CA ILE B 159 -0.94 10.41 -17.00
C ILE B 159 -1.73 10.79 -18.26
N LEU B 160 -2.72 9.98 -18.60
CA LEU B 160 -3.53 10.21 -19.81
C LEU B 160 -4.82 10.96 -19.46
N ALA B 161 -5.34 11.74 -20.42
CA ALA B 161 -6.63 12.42 -20.18
C ALA B 161 -7.70 11.40 -19.75
N SER B 162 -7.66 10.20 -20.35
CA SER B 162 -8.62 9.12 -20.10
C SER B 162 -8.55 8.60 -18.65
N ASP B 163 -7.43 8.81 -17.98
CA ASP B 163 -7.24 8.38 -16.56
C ASP B 163 -8.19 9.16 -15.63
N ARG B 164 -8.57 10.38 -16.02
CA ARG B 164 -9.38 11.23 -15.17
C ARG B 164 -10.48 11.95 -15.97
N VAL B 165 -10.89 11.41 -17.11
CA VAL B 165 -11.86 12.06 -17.97
C VAL B 165 -13.22 12.14 -17.26
N HIS B 166 -13.49 11.25 -16.29
CA HIS B 166 -14.74 11.28 -15.50
C HIS B 166 -14.54 11.77 -14.05
N VAL B 167 -13.50 12.57 -13.84
CA VAL B 167 -13.33 13.40 -12.65
C VAL B 167 -13.65 14.83 -13.05
N ALA B 168 -14.51 15.49 -12.28
CA ALA B 168 -14.84 16.88 -12.56
C ALA B 168 -14.62 17.68 -11.27
N TYR B 169 -14.54 19.02 -11.38
CA TYR B 169 -14.00 19.81 -10.28
C TYR B 169 -15.00 20.88 -9.86
N TYR B 170 -14.90 21.22 -8.58
CA TYR B 170 -15.56 22.37 -7.99
C TYR B 170 -14.57 23.16 -7.14
N THR B 171 -14.98 24.38 -6.74
CA THR B 171 -14.17 25.22 -5.87
C THR B 171 -14.47 24.88 -4.41
N TYR B 172 -13.42 24.52 -3.65
CA TYR B 172 -13.58 24.20 -2.25
C TYR B 172 -14.25 25.37 -1.53
N ASN B 173 -15.20 25.06 -0.66
CA ASN B 173 -15.86 26.00 0.22
C ASN B 173 -16.85 26.89 -0.56
N ASP B 174 -17.12 26.57 -1.83
CA ASP B 174 -18.06 27.36 -2.63
C ASP B 174 -19.27 26.48 -2.91
N ALA B 175 -20.33 26.67 -2.12
CA ALA B 175 -21.54 25.86 -2.21
C ALA B 175 -22.13 25.94 -3.61
N GLN B 176 -22.19 27.15 -4.18
CA GLN B 176 -22.76 27.34 -5.50
C GLN B 176 -21.95 26.59 -6.59
N SER B 177 -20.62 26.63 -6.51
CA SER B 177 -19.76 25.90 -7.43
C SER B 177 -20.09 24.40 -7.38
N LEU B 178 -20.29 23.86 -6.17
CA LEU B 178 -20.53 22.42 -6.00
C LEU B 178 -21.92 22.08 -6.57
N SER B 179 -22.92 22.86 -6.20
CA SER B 179 -24.27 22.69 -6.72
C SER B 179 -24.28 22.76 -8.27
N ASP B 180 -23.55 23.73 -8.83
CA ASP B 180 -23.43 23.89 -10.28
C ASP B 180 -22.76 22.66 -10.91
N ALA B 181 -21.78 22.06 -10.21
CA ALA B 181 -21.07 20.89 -10.74
C ALA B 181 -22.00 19.69 -10.80
N PHE B 182 -22.91 19.54 -9.82
CA PHE B 182 -23.92 18.48 -9.91
C PHE B 182 -24.78 18.63 -11.16
N LYS B 183 -25.20 19.87 -11.43
CA LYS B 183 -26.14 20.09 -12.50
C LYS B 183 -25.42 20.00 -13.85
N ALA B 184 -24.11 20.22 -13.87
CA ALA B 184 -23.31 20.17 -15.09
C ALA B 184 -23.12 18.73 -15.58
N HIS B 185 -23.39 17.75 -14.69
CA HIS B 185 -23.32 16.30 -15.02
C HIS B 185 -24.58 15.67 -14.48
N ASP B 186 -25.71 16.17 -14.95
CA ASP B 186 -26.95 15.90 -14.34
C ASP B 186 -27.25 14.39 -14.42
N GLY B 187 -27.53 13.80 -13.25
CA GLY B 187 -27.86 12.38 -13.10
C GLY B 187 -26.66 11.47 -13.23
N ASP B 188 -25.44 12.04 -13.33
CA ASP B 188 -24.26 11.19 -13.55
C ASP B 188 -23.25 11.38 -12.41
N ILE B 189 -23.65 11.87 -11.23
CA ILE B 189 -22.66 12.00 -10.13
C ILE B 189 -22.64 10.73 -9.26
N ALA B 190 -21.50 10.04 -9.24
CA ALA B 190 -21.27 8.88 -8.42
C ALA B 190 -20.92 9.30 -6.98
N ALA B 191 -20.07 10.34 -6.83
CA ALA B 191 -19.57 10.75 -5.55
C ALA B 191 -19.05 12.20 -5.57
N VAL B 192 -19.08 12.81 -4.40
CA VAL B 192 -18.37 14.00 -4.07
C VAL B 192 -17.31 13.63 -3.05
N PHE B 193 -16.05 13.93 -3.36
CA PHE B 193 -14.96 13.88 -2.40
C PHE B 193 -14.66 15.25 -1.84
N ALA B 194 -14.49 15.31 -0.52
CA ALA B 194 -14.07 16.53 0.17
C ALA B 194 -13.09 16.16 1.29
N THR B 195 -11.96 16.86 1.36
CA THR B 195 -11.15 16.94 2.59
C THR B 195 -11.95 17.75 3.58
N PRO B 196 -11.78 17.50 4.89
CA PRO B 196 -12.57 18.19 5.90
C PRO B 196 -12.20 19.65 6.13
N PHE B 197 -10.98 20.01 5.73
CA PHE B 197 -10.64 21.41 5.55
C PHE B 197 -9.73 21.49 4.35
N ARG B 198 -9.43 22.72 3.94
CA ARG B 198 -8.46 22.94 2.84
C ARG B 198 -7.05 22.82 3.40
N HIS B 199 -6.34 21.78 2.96
CA HIS B 199 -4.96 21.50 3.42
C HIS B 199 -4.07 21.09 2.26
N GLU B 200 -3.48 22.08 1.56
CA GLU B 200 -2.73 21.84 0.37
C GLU B 200 -1.43 22.67 0.41
N VAL B 201 -0.45 22.23 -0.36
CA VAL B 201 0.87 22.88 -0.41
C VAL B 201 0.79 24.26 -1.06
N PHE B 202 1.64 25.16 -0.56
CA PHE B 202 1.87 26.50 -1.12
C PHE B 202 0.63 27.38 -1.04
N GLU B 203 -0.34 27.03 -0.18
CA GLU B 203 -1.64 27.71 -0.10
C GLU B 203 -2.07 27.80 1.37
N ASP B 204 -2.66 28.94 1.76
CA ASP B 204 -3.29 29.10 3.04
C ASP B 204 -4.34 28.00 3.24
N GLN B 205 -4.47 27.54 4.48
CA GLN B 205 -5.50 26.61 4.85
C GLN B 205 -6.76 27.38 5.19
N ALA B 206 -7.86 26.64 5.19
CA ALA B 206 -9.14 27.21 5.53
C ALA B 206 -10.03 26.11 6.08
N LEU B 207 -10.73 26.39 7.17
CA LEU B 207 -11.73 25.48 7.67
C LEU B 207 -12.91 25.38 6.71
N ALA B 208 -13.56 24.20 6.71
CA ALA B 208 -14.73 23.99 5.88
C ALA B 208 -15.88 24.84 6.42
N GLN B 209 -16.61 25.49 5.50
CA GLN B 209 -17.77 26.30 5.84
C GLN B 209 -18.99 25.39 5.93
N LEU B 210 -19.84 25.69 6.91
CA LEU B 210 -21.05 24.90 7.16
C LEU B 210 -21.96 24.85 5.91
N GLU B 211 -22.13 25.95 5.20
CA GLU B 211 -23.08 25.93 4.08
C GLU B 211 -22.52 25.05 2.96
N PHE B 212 -21.20 25.06 2.79
CA PHE B 212 -20.56 24.17 1.80
C PHE B 212 -20.84 22.71 2.13
N ALA B 213 -20.57 22.33 3.39
CA ALA B 213 -20.70 20.94 3.81
C ALA B 213 -22.18 20.52 3.74
N ARG B 214 -23.09 21.41 4.15
CA ARG B 214 -24.50 21.09 4.11
C ARG B 214 -24.95 20.92 2.66
N THR B 215 -24.45 21.79 1.78
CA THR B 215 -24.74 21.66 0.32
C THR B 215 -24.25 20.31 -0.20
N ALA B 216 -23.05 19.89 0.18
CA ALA B 216 -22.53 18.61 -0.27
C ALA B 216 -23.47 17.47 0.17
N ARG B 217 -23.86 17.48 1.44
CA ARG B 217 -24.73 16.45 2.01
C ARG B 217 -26.09 16.48 1.30
N LYS B 218 -26.64 17.67 1.09
CA LYS B 218 -27.96 17.80 0.50
C LYS B 218 -27.96 17.38 -0.96
N CYS B 219 -26.99 17.83 -1.76
CA CYS B 219 -26.93 17.43 -3.16
C CYS B 219 -26.76 15.91 -3.28
N CYS B 220 -25.90 15.33 -2.43
CA CYS B 220 -25.75 13.88 -2.41
C CYS B 220 -27.09 13.21 -2.07
N ASP B 221 -27.77 13.71 -1.04
CA ASP B 221 -29.06 13.11 -0.59
C ASP B 221 -30.07 13.13 -1.73
N GLU B 222 -30.13 14.26 -2.43
CA GLU B 222 -31.13 14.45 -3.52
C GLU B 222 -30.83 13.56 -4.72
N THR B 223 -29.55 13.28 -5.02
CA THR B 223 -29.15 12.62 -6.28
C THR B 223 -28.81 11.15 -6.11
N GLY B 224 -28.57 10.74 -4.87
CA GLY B 224 -28.13 9.42 -4.54
C GLY B 224 -26.62 9.24 -4.69
N ALA B 225 -25.90 10.31 -5.03
CA ALA B 225 -24.43 10.28 -5.02
C ALA B 225 -23.92 10.01 -3.61
N LEU B 226 -22.72 9.41 -3.51
CA LEU B 226 -22.10 9.20 -2.19
C LEU B 226 -21.22 10.39 -1.77
N LEU B 227 -21.44 10.87 -0.55
CA LEU B 227 -20.55 11.87 0.04
C LEU B 227 -19.35 11.15 0.69
N VAL B 228 -18.14 11.47 0.24
CA VAL B 228 -16.90 10.87 0.76
C VAL B 228 -16.06 11.94 1.43
N VAL B 229 -15.79 11.81 2.72
CA VAL B 229 -14.86 12.68 3.38
C VAL B 229 -13.51 11.97 3.43
N ASP B 230 -12.47 12.63 2.88
CA ASP B 230 -11.14 12.14 2.86
C ASP B 230 -10.45 12.65 4.12
N ASP B 231 -10.42 11.80 5.14
CA ASP B 231 -9.89 12.15 6.46
C ASP B 231 -8.50 11.53 6.67
N VAL B 232 -7.80 11.22 5.58
CA VAL B 232 -6.52 10.56 5.70
C VAL B 232 -5.51 11.49 6.42
N ARG B 233 -5.59 12.79 6.17
CA ARG B 233 -4.63 13.73 6.71
C ARG B 233 -5.10 14.22 8.08
N ALA B 234 -6.39 14.61 8.19
CA ALA B 234 -6.93 15.31 9.35
C ALA B 234 -7.48 14.37 10.43
N GLY B 235 -7.78 13.12 10.06
CA GLY B 235 -8.36 12.16 10.94
C GLY B 235 -7.61 12.08 12.27
N PHE B 236 -8.39 12.21 13.36
CA PHE B 236 -7.99 12.03 14.75
C PHE B 236 -7.20 13.24 15.26
N ARG B 237 -6.95 14.25 14.42
CA ARG B 237 -6.43 15.51 14.97
C ARG B 237 -7.51 16.60 15.00
N VAL B 238 -8.63 16.38 14.33
CA VAL B 238 -9.77 17.31 14.47
C VAL B 238 -10.73 16.79 15.54
N ALA B 239 -11.04 15.48 15.50
CA ALA B 239 -12.00 14.89 16.40
C ALA B 239 -11.65 13.43 16.63
N ARG B 240 -12.41 12.78 17.52
CA ARG B 240 -12.31 11.35 17.77
C ARG B 240 -13.24 10.55 16.84
N ASP B 241 -13.88 11.26 15.92
CA ASP B 241 -14.70 10.75 14.86
C ASP B 241 -14.31 11.54 13.59
N CYS B 242 -15.03 11.28 12.51
CA CYS B 242 -14.87 12.02 11.26
C CYS B 242 -14.78 13.52 11.58
N SER B 243 -13.85 14.18 10.89
CA SER B 243 -13.53 15.58 11.12
C SER B 243 -14.69 16.52 10.78
N TRP B 244 -15.81 16.02 10.18
CA TRP B 244 -16.97 16.88 9.96
C TRP B 244 -18.00 16.73 11.09
N THR B 245 -17.63 16.02 12.16
CA THR B 245 -18.55 15.77 13.28
C THR B 245 -19.01 17.11 13.89
N HIS B 246 -18.12 18.10 14.04
CA HIS B 246 -18.46 19.40 14.65
C HIS B 246 -19.41 20.20 13.74
N LEU B 247 -19.46 19.92 12.43
CA LEU B 247 -20.41 20.58 11.53
C LEU B 247 -21.75 19.86 11.51
N GLY B 248 -21.83 18.66 12.12
CA GLY B 248 -23.07 17.92 12.15
C GLY B 248 -23.42 17.29 10.80
N ILE B 249 -22.42 17.15 9.92
CA ILE B 249 -22.60 16.53 8.61
C ILE B 249 -21.91 15.16 8.61
N GLU B 250 -22.69 14.13 8.30
CA GLU B 250 -22.15 12.74 8.23
C GLU B 250 -22.02 12.32 6.77
N PRO B 251 -20.84 11.83 6.36
CA PRO B 251 -20.68 11.32 5.01
C PRO B 251 -21.28 9.92 4.91
N ASP B 252 -21.32 9.41 3.69
CA ASP B 252 -21.60 8.01 3.40
C ASP B 252 -20.33 7.15 3.57
N LEU B 253 -19.17 7.67 3.11
CA LEU B 253 -17.87 6.96 3.18
C LEU B 253 -16.87 7.95 3.78
N SER B 254 -15.93 7.43 4.55
CA SER B 254 -14.80 8.23 4.99
C SER B 254 -13.54 7.40 4.81
N CYS B 255 -12.46 8.09 4.42
CA CYS B 255 -11.19 7.49 4.16
C CYS B 255 -10.23 7.92 5.26
N TRP B 256 -9.47 6.95 5.78
CA TRP B 256 -8.60 7.10 6.92
C TRP B 256 -7.24 6.50 6.63
N GLY B 257 -6.22 7.02 7.28
CA GLY B 257 -4.88 6.51 7.13
C GLY B 257 -3.91 7.30 7.97
N LYS B 258 -2.63 7.20 7.58
CA LYS B 258 -1.48 7.89 8.18
CA LYS B 258 -1.49 7.90 8.19
C LYS B 258 -1.29 7.52 9.66
N CYS B 259 -2.19 7.97 10.56
CA CYS B 259 -1.84 8.00 12.01
C CYS B 259 -2.65 7.02 12.89
N PHE B 260 -3.59 6.25 12.35
CA PHE B 260 -4.51 5.54 13.26
C PHE B 260 -3.85 4.25 13.78
N ALA B 261 -2.62 3.94 13.33
CA ALA B 261 -1.75 2.93 13.99
C ALA B 261 -0.40 3.55 14.34
N ASN B 262 -0.38 4.88 14.52
CA ASN B 262 0.79 5.64 15.02
C ASN B 262 2.08 5.37 14.24
N GLY B 263 1.96 5.10 12.91
CA GLY B 263 3.14 4.88 12.11
C GLY B 263 3.17 3.52 11.45
N TYR B 264 2.38 2.57 11.97
CA TYR B 264 2.28 1.28 11.33
C TYR B 264 1.49 1.49 10.04
N PRO B 265 1.81 0.79 8.95
CA PRO B 265 1.17 1.07 7.66
C PRO B 265 -0.18 0.38 7.52
N ILE B 266 -1.24 1.17 7.63
CA ILE B 266 -2.60 0.66 7.46
C ILE B 266 -3.50 1.87 7.16
N SER B 267 -4.50 1.66 6.29
CA SER B 267 -5.45 2.66 5.87
C SER B 267 -6.82 1.97 5.89
N ALA B 268 -7.90 2.76 5.80
CA ALA B 268 -9.23 2.22 5.93
C ALA B 268 -10.25 3.03 5.13
N LEU B 269 -11.24 2.30 4.65
CA LEU B 269 -12.49 2.87 4.19
C LEU B 269 -13.59 2.46 5.16
N LEU B 270 -14.29 3.47 5.68
CA LEU B 270 -15.40 3.33 6.61
C LEU B 270 -16.66 3.71 5.85
N GLY B 271 -17.70 2.91 5.97
CA GLY B 271 -18.91 3.14 5.18
C GLY B 271 -20.18 2.78 5.92
N SER B 272 -21.27 3.44 5.49
CA SER B 272 -22.62 3.20 5.97
CA SER B 272 -22.60 3.18 5.99
C SER B 272 -23.21 2.01 5.22
N ASN B 273 -24.25 1.41 5.79
CA ASN B 273 -24.91 0.26 5.16
C ASN B 273 -25.47 0.60 3.76
N LYS B 274 -25.83 1.85 3.52
CA LYS B 274 -26.23 2.31 2.18
C LYS B 274 -25.28 1.75 1.11
N ALA B 275 -23.99 1.72 1.43
CA ALA B 275 -22.94 1.44 0.47
C ALA B 275 -22.41 0.00 0.57
N ARG B 276 -23.00 -0.83 1.43
CA ARG B 276 -22.41 -2.14 1.78
C ARG B 276 -22.45 -3.08 0.55
N ASP B 277 -23.57 -3.14 -0.17
CA ASP B 277 -23.72 -4.02 -1.31
C ASP B 277 -22.66 -3.71 -2.37
N ALA B 278 -22.48 -2.43 -2.69
CA ALA B 278 -21.45 -2.05 -3.65
C ALA B 278 -20.05 -2.44 -3.12
N ALA B 279 -19.81 -2.29 -1.82
CA ALA B 279 -18.50 -2.68 -1.24
C ALA B 279 -18.23 -4.17 -1.47
N ARG B 280 -19.26 -5.01 -1.45
CA ARG B 280 -19.08 -6.45 -1.71
C ARG B 280 -18.88 -6.77 -3.18
N ASP B 281 -19.39 -5.92 -4.06
CA ASP B 281 -19.37 -6.16 -5.50
C ASP B 281 -18.01 -5.83 -6.12
N ILE B 282 -17.33 -4.80 -5.64
CA ILE B 282 -16.04 -4.41 -6.23
C ILE B 282 -14.97 -5.42 -5.82
N PHE B 283 -13.88 -5.47 -6.60
CA PHE B 283 -12.74 -6.29 -6.25
C PHE B 283 -11.54 -5.40 -5.99
N VAL B 284 -11.24 -5.29 -4.69
CA VAL B 284 -10.03 -4.63 -4.18
C VAL B 284 -9.29 -5.59 -3.22
N THR B 285 -7.96 -5.58 -3.30
CA THR B 285 -7.16 -6.42 -2.47
C THR B 285 -5.69 -6.00 -2.54
N GLY B 286 -4.92 -6.51 -1.57
CA GLY B 286 -3.47 -6.47 -1.68
C GLY B 286 -2.84 -7.49 -0.76
N SER B 287 -1.68 -7.99 -1.20
CA SER B 287 -0.86 -8.99 -0.49
C SER B 287 -0.75 -8.67 1.00
N PHE B 288 -0.62 -7.39 1.33
CA PHE B 288 -0.27 -6.95 2.71
C PHE B 288 -1.49 -6.41 3.45
N TRP B 289 -2.66 -6.39 2.79
CA TRP B 289 -3.85 -5.70 3.39
C TRP B 289 -4.43 -6.46 4.60
N PHE B 290 -4.05 -7.74 4.81
CA PHE B 290 -4.64 -8.56 5.85
C PHE B 290 -3.63 -8.84 6.97
N SER B 291 -2.48 -8.15 6.94
CA SER B 291 -1.42 -8.32 7.95
C SER B 291 -1.91 -7.89 9.34
N ALA B 292 -1.59 -8.72 10.36
CA ALA B 292 -2.13 -8.53 11.70
C ALA B 292 -1.37 -7.48 12.53
N VAL B 293 -0.06 -7.30 12.35
CA VAL B 293 0.64 -6.48 13.30
C VAL B 293 0.20 -5.03 13.17
N PRO B 294 0.07 -4.45 11.95
CA PRO B 294 -0.49 -3.10 11.84
C PRO B 294 -1.90 -3.03 12.45
N MET B 295 -2.67 -4.10 12.34
CA MET B 295 -4.02 -4.10 12.93
C MET B 295 -3.96 -4.07 14.47
N ALA B 296 -3.00 -4.80 15.04
CA ALA B 296 -2.81 -4.75 16.51
C ALA B 296 -2.37 -3.35 16.94
N ALA B 297 -1.47 -2.71 16.16
CA ALA B 297 -1.08 -1.35 16.50
C ALA B 297 -2.29 -0.41 16.40
N ALA B 298 -3.17 -0.65 15.41
CA ALA B 298 -4.34 0.16 15.17
C ALA B 298 -5.29 0.05 16.35
N ILE B 299 -5.55 -1.19 16.80
CA ILE B 299 -6.48 -1.42 17.92
C ILE B 299 -5.98 -0.61 19.14
N GLU B 300 -4.69 -0.65 19.41
CA GLU B 300 -4.16 0.02 20.62
C GLU B 300 -4.18 1.54 20.44
N THR B 301 -3.81 2.03 19.24
CA THR B 301 -3.91 3.46 18.94
C THR B 301 -5.36 3.95 19.12
N LEU B 302 -6.33 3.23 18.54
CA LEU B 302 -7.75 3.61 18.64
C LEU B 302 -8.21 3.62 20.10
N ARG B 303 -7.76 2.64 20.92
CA ARG B 303 -8.09 2.64 22.35
C ARG B 303 -7.58 3.90 23.04
N ILE B 304 -6.33 4.27 22.74
CA ILE B 304 -5.71 5.44 23.34
C ILE B 304 -6.50 6.68 22.91
N ILE B 305 -6.92 6.70 21.63
CA ILE B 305 -7.69 7.82 21.10
C ILE B 305 -8.99 7.93 21.89
N ARG B 306 -9.65 6.80 22.15
CA ARG B 306 -10.95 6.83 22.81
C ARG B 306 -10.80 7.16 24.29
N GLU B 307 -9.73 6.71 24.95
CA GLU B 307 -9.76 6.63 26.42
C GLU B 307 -8.84 7.66 27.08
N THR B 308 -8.09 8.46 26.32
CA THR B 308 -7.10 9.35 26.91
C THR B 308 -7.27 10.74 26.33
N PRO B 309 -6.80 11.80 27.01
CA PRO B 309 -6.89 13.14 26.46
C PRO B 309 -5.80 13.54 25.43
N TYR B 310 -5.41 12.60 24.55
CA TYR B 310 -4.32 12.83 23.57
C TYR B 310 -4.65 14.09 22.72
N LEU B 311 -5.93 14.26 22.36
CA LEU B 311 -6.42 15.31 21.39
C LEU B 311 -6.24 16.68 22.04
N GLU B 312 -6.70 16.78 23.28
CA GLU B 312 -6.64 18.00 24.06
C GLU B 312 -5.18 18.38 24.29
N THR B 313 -4.30 17.39 24.53
CA THR B 313 -2.87 17.66 24.69
C THR B 313 -2.29 18.27 23.41
N LEU B 314 -2.51 17.67 22.24
CA LEU B 314 -1.82 18.18 21.03
C LEU B 314 -2.45 19.51 20.58
N ILE B 315 -3.74 19.69 20.79
CA ILE B 315 -4.36 20.98 20.53
C ILE B 315 -3.76 22.07 21.42
N ALA B 316 -3.60 21.78 22.73
CA ALA B 316 -3.00 22.77 23.66
C ALA B 316 -1.61 23.17 23.19
N SER B 317 -0.80 22.17 22.79
CA SER B 317 0.56 22.46 22.29
C SER B 317 0.52 23.32 21.02
N GLY B 318 -0.35 22.96 20.08
CA GLY B 318 -0.52 23.73 18.85
C GLY B 318 -0.96 25.14 19.14
N ALA B 319 -1.90 25.30 20.08
CA ALA B 319 -2.42 26.62 20.42
C ALA B 319 -1.29 27.49 21.00
N ALA B 320 -0.47 26.92 21.89
CA ALA B 320 0.66 27.63 22.56
C ALA B 320 1.65 28.07 21.49
N LEU B 321 1.97 27.17 20.55
CA LEU B 321 2.94 27.48 19.54
C LEU B 321 2.40 28.64 18.68
N ARG B 322 1.14 28.57 18.29
CA ARG B 322 0.55 29.59 17.45
C ARG B 322 0.54 30.98 18.15
N ALA B 323 0.06 31.03 19.39
CA ALA B 323 0.07 32.33 20.16
C ALA B 323 1.49 32.87 20.35
N GLY B 324 2.45 32.00 20.65
CA GLY B 324 3.85 32.36 20.78
C GLY B 324 4.37 32.98 19.49
N LEU B 325 4.14 32.31 18.35
CA LEU B 325 4.67 32.79 17.09
C LEU B 325 3.97 34.10 16.67
N GLU B 326 2.68 34.25 17.00
CA GLU B 326 1.96 35.50 16.70
C GLU B 326 2.67 36.66 17.40
N ALA B 327 2.86 36.52 18.72
CA ALA B 327 3.53 37.54 19.57
C ALA B 327 4.94 37.75 19.06
N GLN B 328 5.67 36.66 18.80
CA GLN B 328 7.08 36.79 18.42
C GLN B 328 7.24 37.52 17.09
N SER B 329 6.47 37.11 16.08
CA SER B 329 6.57 37.67 14.76
C SER B 329 6.23 39.17 14.81
N GLN B 330 5.23 39.53 15.61
CA GLN B 330 4.80 40.90 15.70
C GLN B 330 5.93 41.73 16.32
N ARG B 331 6.58 41.23 17.37
CA ARG B 331 7.72 41.96 17.99
C ARG B 331 8.82 42.26 16.94
N HIS B 332 9.12 41.30 16.06
CA HIS B 332 10.13 41.44 15.03
C HIS B 332 9.61 42.21 13.82
N GLY B 333 8.32 42.57 13.76
CA GLY B 333 7.73 43.31 12.63
C GLY B 333 7.60 42.48 11.35
N LEU B 334 7.42 41.16 11.49
CA LEU B 334 7.28 40.24 10.36
C LEU B 334 5.96 39.47 10.50
N GLU B 335 4.92 39.88 9.79
CA GLU B 335 3.65 39.31 10.00
C GLU B 335 3.53 37.91 9.36
N LEU B 336 2.95 36.99 10.13
CA LEU B 336 2.68 35.62 9.67
C LEU B 336 1.24 35.45 9.22
N LYS B 337 1.02 34.45 8.36
CA LYS B 337 -0.27 33.90 8.08
C LYS B 337 -0.27 32.49 8.66
N GLN B 338 -0.82 32.34 9.85
CA GLN B 338 -0.93 30.98 10.45
C GLN B 338 -2.36 30.51 10.23
N THR B 339 -2.54 29.47 9.40
CA THR B 339 -3.87 29.14 8.98
C THR B 339 -4.14 27.66 9.20
N GLY B 340 -5.43 27.33 9.18
CA GLY B 340 -5.90 26.01 9.51
C GLY B 340 -5.87 25.78 11.02
N PRO B 341 -6.22 24.54 11.45
CA PRO B 341 -6.21 24.22 12.88
C PRO B 341 -4.79 24.40 13.45
N ALA B 342 -4.71 24.93 14.67
CA ALA B 342 -3.44 25.15 15.31
C ALA B 342 -2.64 23.83 15.43
N GLN B 343 -3.36 22.70 15.52
CA GLN B 343 -2.74 21.37 15.67
C GLN B 343 -2.29 20.81 14.33
N MET B 344 -2.61 21.47 13.22
CA MET B 344 -2.14 21.06 11.88
C MET B 344 -1.86 22.34 11.10
N PRO B 345 -0.92 23.18 11.58
CA PRO B 345 -0.80 24.54 11.09
C PRO B 345 -0.04 24.66 9.77
N GLN B 346 -0.49 25.63 8.97
CA GLN B 346 0.28 26.16 7.84
C GLN B 346 0.83 27.51 8.33
N ILE B 347 2.14 27.70 8.25
CA ILE B 347 2.78 28.92 8.81
C ILE B 347 3.56 29.57 7.68
N PHE B 348 2.92 30.58 7.07
CA PHE B 348 3.51 31.37 6.00
C PHE B 348 3.78 32.78 6.54
N PHE B 349 4.53 33.52 5.73
CA PHE B 349 4.76 34.94 5.97
C PHE B 349 3.81 35.73 5.09
N ALA B 350 3.26 36.81 5.67
CA ALA B 350 2.50 37.78 4.88
C ALA B 350 3.47 38.36 3.84
N ASP B 351 2.94 38.68 2.66
CA ASP B 351 3.72 39.42 1.61
C ASP B 351 5.01 38.70 1.23
N ASP B 352 4.92 37.38 1.04
CA ASP B 352 6.06 36.54 0.72
C ASP B 352 5.72 35.66 -0.49
N PRO B 353 5.35 36.28 -1.64
CA PRO B 353 4.82 35.53 -2.77
C PRO B 353 5.74 34.47 -3.38
N ASP B 354 7.08 34.59 -3.25
CA ASP B 354 7.98 33.58 -3.78
C ASP B 354 8.62 32.74 -2.66
N PHE B 355 8.13 32.90 -1.41
CA PHE B 355 8.49 32.03 -0.25
C PHE B 355 9.96 32.23 0.18
N ARG B 356 10.64 33.26 -0.32
CA ARG B 356 12.03 33.50 0.07
C ARG B 356 12.14 33.72 1.58
N ILE B 357 11.19 34.45 2.16
CA ILE B 357 11.26 34.72 3.56
C ILE B 357 10.97 33.43 4.37
N GLY B 358 9.85 32.77 4.06
CA GLY B 358 9.48 31.54 4.76
C GLY B 358 10.54 30.45 4.67
N TYR B 359 11.15 30.32 3.49
CA TYR B 359 12.27 29.36 3.28
C TYR B 359 13.44 29.69 4.21
N ALA B 360 13.82 30.97 4.26
CA ALA B 360 14.95 31.42 5.09
C ALA B 360 14.65 31.14 6.57
N TRP B 361 13.43 31.44 6.99
CA TRP B 361 13.04 31.25 8.39
C TRP B 361 13.06 29.78 8.78
N ALA B 362 12.49 28.93 7.91
CA ALA B 362 12.40 27.54 8.18
C ALA B 362 13.80 26.96 8.28
N ALA B 363 14.69 27.36 7.35
CA ALA B 363 16.08 26.92 7.38
C ALA B 363 16.79 27.35 8.68
N ALA B 364 16.59 28.61 9.08
CA ALA B 364 17.18 29.12 10.30
C ALA B 364 16.68 28.36 11.53
N CYS B 365 15.44 27.85 11.51
CA CYS B 365 14.89 27.03 12.63
C CYS B 365 15.70 25.73 12.80
N LEU B 366 16.18 25.13 11.70
CA LEU B 366 16.95 23.87 11.80
C LEU B 366 18.19 24.03 12.68
N LYS B 367 18.90 25.15 12.56
CA LYS B 367 20.09 25.42 13.38
C LYS B 367 19.77 25.44 14.87
N GLY B 368 18.52 25.76 15.23
CA GLY B 368 18.05 25.73 16.59
C GLY B 368 17.39 24.42 17.00
N GLY B 369 17.46 23.37 16.16
CA GLY B 369 16.96 22.08 16.55
C GLY B 369 15.45 21.97 16.38
N VAL B 370 14.87 22.71 15.41
CA VAL B 370 13.44 22.70 15.15
C VAL B 370 13.23 22.43 13.66
N TYR B 371 12.39 21.44 13.35
CA TYR B 371 11.99 21.09 11.98
C TYR B 371 10.59 21.64 11.73
N VAL B 372 10.52 22.72 10.96
CA VAL B 372 9.26 23.32 10.47
C VAL B 372 9.35 23.41 8.94
N HIS B 373 8.18 23.54 8.29
CA HIS B 373 8.07 23.37 6.84
C HIS B 373 7.53 24.66 6.25
N PRO B 374 8.20 25.24 5.24
CA PRO B 374 7.73 26.48 4.65
C PRO B 374 6.58 26.39 3.63
N TYR B 375 6.15 25.19 3.23
CA TYR B 375 5.08 25.14 2.19
C TYR B 375 3.98 24.10 2.45
N HIS B 376 4.22 23.16 3.38
CA HIS B 376 3.35 22.07 3.65
C HIS B 376 2.88 22.21 5.09
N ASN B 377 1.62 21.89 5.35
CA ASN B 377 1.13 21.99 6.71
C ASN B 377 1.95 21.07 7.63
N MET B 378 2.02 21.52 8.87
CA MET B 378 2.66 20.80 9.91
C MET B 378 1.61 20.05 10.74
N PHE B 379 2.06 19.39 11.81
CA PHE B 379 1.25 18.54 12.68
C PHE B 379 1.84 18.55 14.10
N LEU B 380 0.95 18.56 15.11
CA LEU B 380 1.31 18.28 16.48
C LEU B 380 1.02 16.83 16.85
N SER B 381 1.82 16.30 17.77
CA SER B 381 1.64 14.98 18.35
C SER B 381 1.30 15.16 19.82
N ALA B 382 0.68 14.15 20.43
CA ALA B 382 0.44 14.17 21.87
C ALA B 382 1.74 14.06 22.68
N ALA B 383 2.88 13.80 22.03
CA ALA B 383 4.18 13.71 22.68
C ALA B 383 4.88 15.05 22.78
N HIS B 384 4.40 16.07 22.03
CA HIS B 384 4.98 17.38 22.16
C HIS B 384 4.53 17.98 23.50
N THR B 385 5.48 18.48 24.27
CA THR B 385 5.21 18.98 25.65
C THR B 385 5.28 20.50 25.66
N VAL B 386 4.80 21.08 26.77
CA VAL B 386 4.94 22.53 26.97
C VAL B 386 6.41 22.94 26.87
N ASP B 387 7.32 22.14 27.43
CA ASP B 387 8.77 22.47 27.40
C ASP B 387 9.30 22.40 25.96
N ASP B 388 8.82 21.44 25.17
CA ASP B 388 9.15 21.39 23.77
C ASP B 388 8.72 22.69 23.05
N VAL B 389 7.52 23.21 23.37
CA VAL B 389 7.07 24.45 22.71
C VAL B 389 7.94 25.63 23.17
N THR B 390 8.22 25.71 24.46
CA THR B 390 9.09 26.74 25.00
C THR B 390 10.45 26.69 24.29
N GLU B 391 11.02 25.51 24.18
CA GLU B 391 12.31 25.39 23.53
C GLU B 391 12.22 25.74 22.04
N THR B 392 11.10 25.37 21.42
CA THR B 392 10.87 25.69 20.02
C THR B 392 10.87 27.22 19.83
N LEU B 393 10.16 27.93 20.71
CA LEU B 393 9.98 29.39 20.61
C LEU B 393 11.34 30.11 20.78
N GLU B 394 12.26 29.52 21.55
CA GLU B 394 13.61 30.08 21.67
C GLU B 394 14.32 30.02 20.32
N ALA B 395 14.17 28.87 19.61
CA ALA B 395 14.79 28.74 18.31
C ALA B 395 14.11 29.63 17.26
N THR B 396 12.76 29.75 17.31
CA THR B 396 12.02 30.54 16.32
C THR B 396 12.42 32.00 16.48
N ASP B 397 12.70 32.42 17.72
CA ASP B 397 13.08 33.82 17.98
C ASP B 397 14.38 34.13 17.24
N ARG B 398 15.35 33.23 17.36
CA ARG B 398 16.61 33.41 16.72
C ARG B 398 16.45 33.37 15.19
N ALA B 399 15.49 32.56 14.73
CA ALA B 399 15.26 32.46 13.28
C ALA B 399 14.66 33.78 12.77
N PHE B 400 13.73 34.38 13.51
CA PHE B 400 13.18 35.68 13.12
C PHE B 400 14.32 36.71 13.02
N SER B 401 15.26 36.69 13.97
CA SER B 401 16.38 37.65 13.98
C SER B 401 17.26 37.40 12.75
N ALA B 402 17.45 36.14 12.41
CA ALA B 402 18.31 35.78 11.29
C ALA B 402 17.70 36.30 9.97
N VAL B 403 16.39 36.20 9.83
CA VAL B 403 15.68 36.63 8.63
C VAL B 403 15.82 38.16 8.48
N LEU B 404 15.69 38.89 9.60
CA LEU B 404 15.76 40.34 9.61
C LEU B 404 17.17 40.78 9.24
N ARG B 405 18.18 40.11 9.84
CA ARG B 405 19.59 40.41 9.58
C ARG B 405 19.94 40.20 8.09
N ASP B 406 19.44 39.10 7.48
CA ASP B 406 19.85 38.78 6.10
C ASP B 406 18.80 39.28 5.08
N PHE B 407 17.84 40.10 5.50
CA PHE B 407 16.62 40.37 4.71
C PHE B 407 16.95 40.80 3.28
N ALA B 408 17.86 41.76 3.12
CA ALA B 408 18.19 42.35 1.81
C ALA B 408 18.75 41.28 0.85
N SER B 409 19.31 40.20 1.38
CA SER B 409 20.01 39.20 0.59
C SER B 409 19.19 37.90 0.37
N LEU B 410 17.95 37.84 0.87
CA LEU B 410 17.16 36.58 0.71
C LEU B 410 16.91 36.35 -0.79
N GLN B 411 17.05 35.10 -1.24
CA GLN B 411 16.74 34.74 -2.63
C GLN B 411 15.76 33.57 -2.62
N PRO B 412 14.84 33.47 -3.62
CA PRO B 412 13.89 32.34 -3.68
C PRO B 412 14.65 31.05 -4.04
N HIS B 413 14.02 29.90 -3.77
CA HIS B 413 14.61 28.60 -4.08
C HIS B 413 14.76 28.43 -5.61
N PRO B 414 15.91 27.93 -6.13
CA PRO B 414 16.02 27.63 -7.56
C PRO B 414 15.09 26.46 -7.96
#